data_5LVC
#
_entry.id   5LVC
#
_cell.length_a   1
_cell.length_b   1
_cell.length_c   1
_cell.angle_alpha   90
_cell.angle_beta   90
_cell.angle_gamma   90
#
_symmetry.space_group_name_H-M   'P 1'
#
loop_
_entity.id
_entity.type
_entity.pdbx_description
1 polymer VP1
2 polymer VP0
3 polymer VP3
#
loop_
_entity_poly.entity_id
_entity_poly.type
_entity_poly.pdbx_seq_one_letter_code
_entity_poly.pdbx_strand_id
1 'polypeptide(L)'
;TLTEDLDAPQDTGNIENGAADNSPQPRTTFDYTGNPLPPDTKLENFFSFYRLLPMGGSGAPSLSFPADEGTIIPLNPINW
LKGADVSGIAAMLSCFTYIAADLRITLRFSNPNDNPATMLVAFAPPGATIPLKPTRQMLSNFYMAEVPVSAATSTMVSFS
IPYTSPLSAIPTSYFGWEDWSGTNFGQLSSGSWGNLMLIPSLSVDSAIPFDFQLSCWVAFGNFKAWVPRPPPPLPPLPTP
AANAERTVAVIKQ
;
a
2 'polypeptide(L)'
;GNSVTNIYGNGNNVTTDVGANGWAPTVSTGLGDGPVSASADSLPGRSGGASSEKTHTVSGSSNKVGSRFSKWWEPAAARA
SESATDSAIEGIDAAGKAASKAITRKLDRPAAPSSTANPQPSLIALNPSATQSGNASILTGSTAPSLLAYPTATPVPLPN
PDEPSQPGPSGDRTWLLDTVTWSQEFTRGWNIAGSNGMQWTGLESLIFPVSTDTNWTSTSSPTAYPLPFSFVRAYPDSSW
AAMYNTHSMWNCGWRVQVTVNGSQFHAGALILYMVPEATTHAIQTARDNAGFVFPYVILNLYESNTATIEVPYISPTPNT
SSGLHAPWTFYLQVLSPLNPPPSLPTSLSCSIYVTPVDSSFHGLRYLAPQ
;
b
3 'polypeptide(L)'
;HWKTRAVPGAGTFGSAVAGQELPLCGVRAYYPPNAYIPAQVRDWLEFAHRPGLMATVPWTMADEPAERLGIFPVSPSAIA
GTGAPISYVISLFSQWRGELAAHLLFTGSAQHYGRLVVCYTPAAPQPPSTMQEAMRGTYTVWDVNAASTLEFTIPFISNS
YWKTVDVNNPDALLSTTGYVSIWVQNPLVGPHTAPASALVQAFISAGESFNVRLMQNPALTSQ
;
c
#
# COMPACT_ATOMS: atom_id res chain seq x y z
N ASP A 31 -19.07 28.64 7.77
CA ASP A 31 -17.91 28.56 8.70
C ASP A 31 -17.39 27.12 8.81
N TYR A 32 -16.58 26.85 9.83
CA TYR A 32 -16.01 25.53 10.06
C TYR A 32 -16.29 25.08 11.49
N THR A 33 -15.63 25.74 12.45
CA THR A 33 -15.78 25.45 13.88
C THR A 33 -15.88 23.94 14.20
N GLY A 34 -14.76 23.21 14.15
CA GLY A 34 -13.41 23.77 13.90
C GLY A 34 -12.78 24.41 15.12
N ASN A 35 -11.92 23.73 15.90
CA ASN A 35 -11.25 22.44 15.63
C ASN A 35 -10.89 22.07 14.17
N PRO A 36 -9.82 22.69 13.65
CA PRO A 36 -9.34 22.29 12.34
C PRO A 36 -8.47 21.05 12.46
N LEU A 37 -9.13 19.89 12.53
CA LEU A 37 -8.48 18.57 12.53
C LEU A 37 -6.96 18.66 12.41
N PRO A 38 -6.23 18.32 13.50
CA PRO A 38 -4.77 18.51 13.47
C PRO A 38 -4.11 17.83 12.26
N PRO A 39 -2.93 18.32 11.85
CA PRO A 39 -2.25 17.70 10.72
C PRO A 39 -1.63 16.35 11.14
N ASP A 40 -0.41 16.05 10.71
CA ASP A 40 0.25 14.77 11.03
C ASP A 40 -0.50 13.55 10.45
N THR A 41 -1.74 13.75 9.99
CA THR A 41 -2.53 12.70 9.37
C THR A 41 -2.39 12.74 7.86
N LYS A 42 -1.90 13.87 7.35
CA LYS A 42 -1.84 14.14 5.92
C LYS A 42 -0.50 13.68 5.38
N LEU A 43 -0.54 12.91 4.28
CA LEU A 43 0.68 12.33 3.70
C LEU A 43 1.60 13.39 3.11
N GLU A 44 1.04 14.55 2.75
CA GLU A 44 1.83 15.68 2.28
C GLU A 44 2.70 16.25 3.40
N ASN A 45 2.17 16.24 4.63
CA ASN A 45 2.89 16.73 5.81
C ASN A 45 3.77 15.66 6.45
N PHE A 46 3.26 14.43 6.53
CA PHE A 46 3.96 13.34 7.20
C PHE A 46 5.29 12.98 6.52
N PHE A 47 5.30 13.00 5.19
CA PHE A 47 6.50 12.61 4.43
C PHE A 47 7.43 13.76 4.08
N SER A 48 7.11 14.97 4.57
CA SER A 48 7.99 16.13 4.38
C SER A 48 9.18 16.09 5.36
N PHE A 49 9.05 15.34 6.44
CA PHE A 49 10.11 15.21 7.43
C PHE A 49 11.15 14.18 6.98
N TYR A 50 12.38 14.38 7.41
CA TYR A 50 13.49 13.49 7.05
C TYR A 50 13.49 12.23 7.89
N ARG A 51 13.85 11.12 7.25
CA ARG A 51 14.02 9.84 7.93
C ARG A 51 15.20 9.09 7.32
N LEU A 52 15.86 8.28 8.15
CA LEU A 52 17.09 7.59 7.74
C LEU A 52 16.80 6.56 6.65
N LEU A 53 17.43 6.73 5.50
CA LEU A 53 17.24 5.84 4.36
C LEU A 53 18.07 4.57 4.55
N PRO A 54 17.44 3.39 4.36
CA PRO A 54 18.21 2.14 4.42
C PRO A 54 19.10 1.97 3.20
N MET A 55 20.38 1.65 3.43
CA MET A 55 21.34 1.49 2.36
C MET A 55 21.11 0.17 1.64
N GLY A 56 21.22 0.18 0.31
CA GLY A 56 20.91 -0.97 -0.52
C GLY A 56 21.73 -2.20 -0.17
N GLY A 57 21.07 -3.36 -0.14
CA GLY A 57 21.69 -4.61 0.26
C GLY A 57 20.91 -5.32 1.35
N SER A 58 21.17 -4.95 2.60
CA SER A 58 20.50 -5.54 3.75
C SER A 58 19.61 -4.55 4.50
N GLY A 59 19.49 -3.33 3.97
CA GLY A 59 18.80 -2.25 4.67
C GLY A 59 19.63 -1.73 5.84
N ALA A 60 20.95 -1.66 5.64
CA ALA A 60 21.86 -1.21 6.68
C ALA A 60 21.74 0.30 6.88
N PRO A 61 21.99 0.79 8.11
CA PRO A 61 21.92 2.22 8.37
C PRO A 61 23.09 3.03 7.77
N SER A 62 24.19 2.35 7.44
CA SER A 62 25.34 2.99 6.82
C SER A 62 25.99 2.10 5.77
N LEU A 63 26.69 2.73 4.83
CA LEU A 63 27.37 2.04 3.74
C LEU A 63 28.82 2.52 3.66
N SER A 64 29.75 1.56 3.58
CA SER A 64 31.18 1.87 3.53
C SER A 64 31.70 1.71 2.11
N PHE A 65 32.36 2.75 1.60
CA PHE A 65 32.94 2.71 0.25
C PHE A 65 34.37 3.25 0.25
N PRO A 66 35.27 2.62 -0.55
CA PRO A 66 36.67 3.07 -0.59
C PRO A 66 36.84 4.46 -1.19
N ALA A 67 37.95 5.11 -0.83
CA ALA A 67 38.26 6.45 -1.32
C ALA A 67 38.82 6.45 -2.75
N ASP A 68 39.06 5.27 -3.31
CA ASP A 68 39.68 5.14 -4.62
C ASP A 68 38.69 5.33 -5.77
N GLU A 69 37.55 4.64 -5.70
CA GLU A 69 36.54 4.71 -6.77
C GLU A 69 35.28 5.49 -6.39
N GLY A 70 34.82 5.33 -5.16
CA GLY A 70 33.57 5.94 -4.71
C GLY A 70 32.43 4.94 -4.71
N THR A 71 31.20 5.44 -4.89
CA THR A 71 30.01 4.60 -4.91
C THR A 71 28.89 5.23 -5.72
N ILE A 72 27.90 4.41 -6.07
CA ILE A 72 26.70 4.87 -6.77
C ILE A 72 25.48 4.38 -6.00
N ILE A 73 24.71 5.32 -5.45
CA ILE A 73 23.55 5.00 -4.63
C ILE A 73 22.27 5.27 -5.43
N PRO A 74 21.51 4.20 -5.76
CA PRO A 74 20.29 4.39 -6.54
C PRO A 74 19.17 5.00 -5.70
N LEU A 75 18.38 5.88 -6.32
CA LEU A 75 17.25 6.51 -5.64
C LEU A 75 15.94 5.79 -5.98
N ASN A 76 15.97 4.46 -5.88
CA ASN A 76 14.86 3.62 -6.32
C ASN A 76 14.13 3.01 -5.13
N PRO A 77 12.81 3.29 -4.99
CA PRO A 77 12.02 2.68 -3.92
C PRO A 77 12.15 1.16 -3.86
N ILE A 78 11.95 0.47 -4.97
CA ILE A 78 12.03 -1.00 -5.00
C ILE A 78 13.35 -1.48 -4.41
N ASN A 79 14.44 -0.79 -4.74
CA ASN A 79 15.76 -1.10 -4.16
C ASN A 79 15.82 -0.79 -2.66
N TRP A 80 15.03 0.18 -2.20
CA TRP A 80 14.96 0.53 -0.78
C TRP A 80 14.13 -0.47 0.01
N LEU A 81 13.15 -1.10 -0.66
CA LEU A 81 12.27 -2.08 -0.02
C LEU A 81 12.65 -3.45 -0.56
N LYS A 82 13.94 -3.78 -0.47
CA LYS A 82 14.42 -5.10 -0.86
C LYS A 82 13.54 -6.23 -0.31
N GLY A 83 13.28 -6.28 1.00
CA GLY A 83 13.73 -5.29 2.00
C GLY A 83 12.67 -4.95 3.03
N ALA A 84 11.78 -5.90 3.32
CA ALA A 84 10.73 -5.75 4.33
C ALA A 84 11.37 -5.49 5.70
N ASP A 85 11.36 -4.23 6.12
CA ASP A 85 11.98 -3.82 7.37
C ASP A 85 10.90 -3.80 8.48
N VAL A 86 11.08 -2.95 9.48
CA VAL A 86 10.16 -2.87 10.62
C VAL A 86 9.57 -1.44 10.68
N SER A 87 10.38 -0.48 11.11
CA SER A 87 9.97 0.93 11.16
C SER A 87 10.56 1.76 10.04
N GLY A 88 11.55 1.20 9.34
CA GLY A 88 12.27 1.94 8.30
C GLY A 88 11.34 2.67 7.36
N ILE A 89 11.72 3.87 6.95
CA ILE A 89 10.94 4.65 6.00
C ILE A 89 10.45 3.79 4.82
N ALA A 90 11.27 2.81 4.44
CA ALA A 90 10.88 1.80 3.46
C ALA A 90 9.57 1.12 3.83
N ALA A 91 9.45 0.71 5.09
CA ALA A 91 8.22 0.08 5.61
C ALA A 91 6.98 0.97 5.45
N MET A 92 7.17 2.29 5.59
CA MET A 92 6.07 3.25 5.42
C MET A 92 5.70 3.41 3.95
N LEU A 93 6.69 3.43 3.07
CA LEU A 93 6.47 3.54 1.62
C LEU A 93 5.82 2.29 1.04
N SER A 94 6.04 1.14 1.67
CA SER A 94 5.45 -0.13 1.22
C SER A 94 3.95 -0.22 1.49
N CYS A 95 3.37 0.80 2.12
CA CYS A 95 1.92 0.90 2.29
C CYS A 95 1.21 1.50 1.07
N PHE A 96 1.99 1.92 0.07
CA PHE A 96 1.43 2.47 -1.17
C PHE A 96 2.04 1.77 -2.38
N THR A 97 1.22 1.53 -3.39
CA THR A 97 1.67 0.88 -4.61
C THR A 97 2.47 1.86 -5.45
N TYR A 98 1.84 2.98 -5.81
CA TYR A 98 2.49 4.01 -6.62
C TYR A 98 2.65 5.31 -5.83
N ILE A 99 3.79 5.96 -6.00
CA ILE A 99 4.07 7.24 -5.37
C ILE A 99 4.69 8.21 -6.37
N ALA A 100 4.46 9.51 -6.15
CA ALA A 100 5.04 10.55 -6.97
C ALA A 100 5.29 11.80 -6.13
N ALA A 101 6.56 12.15 -5.95
CA ALA A 101 6.95 13.29 -5.14
C ALA A 101 8.29 13.86 -5.57
N ASP A 102 8.63 15.02 -5.02
CA ASP A 102 9.91 15.66 -5.26
C ASP A 102 10.86 15.28 -4.12
N LEU A 103 11.90 14.53 -4.45
CA LEU A 103 12.79 13.97 -3.44
C LEU A 103 13.70 15.02 -2.81
N ARG A 104 13.83 14.93 -1.49
CA ARG A 104 14.78 15.73 -0.73
C ARG A 104 15.73 14.73 -0.08
N ILE A 105 17.03 14.91 -0.27
CA ILE A 105 18.02 13.96 0.25
C ILE A 105 19.17 14.67 0.96
N THR A 106 19.54 14.17 2.14
CA THR A 106 20.67 14.69 2.89
C THR A 106 21.70 13.57 3.06
N LEU A 107 22.93 13.82 2.61
CA LEU A 107 24.02 12.85 2.69
C LEU A 107 24.97 13.20 3.83
N ARG A 108 25.57 12.19 4.43
CA ARG A 108 26.60 12.39 5.45
C ARG A 108 27.82 11.54 5.12
N PHE A 109 28.98 12.20 4.98
CA PHE A 109 30.22 11.51 4.63
C PHE A 109 31.17 11.49 5.82
N SER A 110 31.28 10.33 6.47
CA SER A 110 32.16 10.19 7.63
C SER A 110 33.60 9.94 7.17
N ASN A 111 34.49 10.86 7.54
CA ASN A 111 35.89 10.81 7.14
C ASN A 111 36.75 10.28 8.29
N PRO A 112 37.39 9.11 8.10
CA PRO A 112 38.16 8.51 9.19
C PRO A 112 39.56 9.09 9.40
N ASN A 113 40.26 9.42 8.31
CA ASN A 113 41.65 9.89 8.40
C ASN A 113 41.76 11.34 8.87
N ASP A 114 43.00 11.80 9.04
CA ASP A 114 43.28 13.10 9.65
C ASP A 114 43.38 14.28 8.67
N ASN A 115 43.15 14.04 7.39
CA ASN A 115 43.24 15.09 6.38
C ASN A 115 41.87 15.42 5.77
N PRO A 116 41.64 16.71 5.45
CA PRO A 116 40.37 17.08 4.79
C PRO A 116 40.27 16.54 3.36
N ALA A 117 39.04 16.46 2.86
CA ALA A 117 38.77 15.90 1.54
C ALA A 117 37.62 16.66 0.87
N THR A 118 37.30 16.29 -0.36
CA THR A 118 36.19 16.89 -1.09
C THR A 118 35.41 15.82 -1.85
N MET A 119 34.09 15.84 -1.72
CA MET A 119 33.23 14.83 -2.34
C MET A 119 32.50 15.42 -3.55
N LEU A 120 32.53 14.66 -4.66
CA LEU A 120 31.86 15.06 -5.89
C LEU A 120 30.59 14.25 -6.08
N VAL A 121 29.44 14.87 -5.82
CA VAL A 121 28.14 14.22 -5.94
C VAL A 121 27.44 14.72 -7.20
N ALA A 122 27.22 13.80 -8.15
CA ALA A 122 26.55 14.13 -9.42
C ALA A 122 25.23 13.38 -9.55
N PHE A 123 24.26 14.02 -10.19
CA PHE A 123 22.90 13.47 -10.33
C PHE A 123 22.71 12.88 -11.73
N ALA A 124 22.61 11.56 -11.80
CA ALA A 124 22.28 10.86 -13.05
C ALA A 124 20.75 10.75 -13.15
N PRO A 125 20.15 11.38 -14.18
CA PRO A 125 18.70 11.32 -14.30
C PRO A 125 18.16 9.91 -14.53
N PRO A 126 16.92 9.63 -14.10
CA PRO A 126 16.35 8.30 -14.28
C PRO A 126 16.15 7.95 -15.74
N GLY A 127 16.90 6.95 -16.22
CA GLY A 127 16.93 6.58 -17.64
C GLY A 127 18.28 6.86 -18.30
N ALA A 128 19.17 7.54 -17.58
CA ALA A 128 20.49 7.88 -18.12
C ALA A 128 21.46 6.71 -17.99
N THR A 129 22.45 6.69 -18.88
CA THR A 129 23.49 5.67 -18.86
C THR A 129 24.51 6.00 -17.75
N ILE A 130 24.66 5.08 -16.80
CA ILE A 130 25.57 5.28 -15.68
C ILE A 130 26.96 4.80 -16.10
N PRO A 131 27.99 5.68 -16.00
CA PRO A 131 29.34 5.29 -16.39
C PRO A 131 29.91 4.13 -15.57
N LEU A 132 30.72 3.30 -16.22
CA LEU A 132 31.35 2.16 -15.57
C LEU A 132 32.45 2.61 -14.62
N LYS A 133 33.28 3.54 -15.08
CA LYS A 133 34.33 4.15 -14.25
C LYS A 133 34.00 5.63 -14.05
N PRO A 134 33.44 5.98 -12.88
CA PRO A 134 33.13 7.39 -12.61
C PRO A 134 34.38 8.25 -12.54
N THR A 135 34.48 9.21 -13.46
CA THR A 135 35.60 10.14 -13.48
C THR A 135 35.11 11.56 -13.27
N ARG A 136 36.03 12.44 -12.86
CA ARG A 136 35.70 13.82 -12.57
C ARG A 136 35.15 14.57 -13.79
N GLN A 137 35.71 14.28 -14.96
CA GLN A 137 35.30 14.93 -16.20
C GLN A 137 33.87 14.53 -16.60
N MET A 138 33.56 13.24 -16.52
CA MET A 138 32.25 12.74 -16.96
C MET A 138 31.12 13.11 -16.01
N LEU A 139 31.39 13.11 -14.70
CA LEU A 139 30.39 13.51 -13.71
C LEU A 139 30.09 15.01 -13.74
N SER A 140 30.99 15.81 -14.32
CA SER A 140 30.79 17.25 -14.46
C SER A 140 29.72 17.63 -15.49
N ASN A 141 29.39 16.70 -16.39
CA ASN A 141 28.35 16.94 -17.40
C ASN A 141 26.93 16.79 -16.84
N PHE A 142 26.80 16.06 -15.74
CA PHE A 142 25.53 15.97 -15.02
C PHE A 142 25.41 17.16 -14.07
N TYR A 143 24.27 17.28 -13.41
CA TYR A 143 24.08 18.32 -12.40
C TYR A 143 24.76 17.88 -11.11
N MET A 144 25.94 18.43 -10.86
CA MET A 144 26.81 17.97 -9.79
C MET A 144 27.01 19.00 -8.68
N ALA A 145 27.60 18.57 -7.58
CA ALA A 145 27.91 19.42 -6.45
C ALA A 145 29.23 18.97 -5.81
N GLU A 146 30.04 19.94 -5.41
CA GLU A 146 31.38 19.67 -4.89
C GLU A 146 31.44 20.02 -3.40
N VAL A 147 31.32 19.00 -2.55
CA VAL A 147 31.16 19.19 -1.12
C VAL A 147 32.51 19.08 -0.39
N PRO A 148 32.92 20.15 0.33
CA PRO A 148 34.12 20.03 1.17
C PRO A 148 33.85 19.20 2.42
N VAL A 149 34.71 18.21 2.66
CA VAL A 149 34.57 17.30 3.80
C VAL A 149 35.67 17.59 4.81
N SER A 150 35.29 17.73 6.08
CA SER A 150 36.25 18.07 7.14
C SER A 150 37.01 16.85 7.62
N ALA A 151 38.11 17.08 8.33
CA ALA A 151 39.00 16.02 8.78
C ALA A 151 38.55 15.41 10.10
N ALA A 152 38.64 14.08 10.19
CA ALA A 152 38.34 13.32 11.41
C ALA A 152 36.90 13.51 11.91
N THR A 153 35.98 13.86 11.01
CA THR A 153 34.58 14.05 11.36
C THR A 153 33.69 13.92 10.13
N SER A 154 32.38 13.91 10.35
CA SER A 154 31.42 13.79 9.25
C SER A 154 30.88 15.17 8.86
N THR A 155 30.59 15.32 7.57
CA THR A 155 30.03 16.54 7.02
C THR A 155 28.69 16.24 6.36
N MET A 156 27.71 17.11 6.56
CA MET A 156 26.37 16.91 6.02
C MET A 156 26.03 17.95 4.95
N VAL A 157 25.24 17.51 3.96
CA VAL A 157 24.81 18.37 2.86
C VAL A 157 23.45 17.89 2.36
N SER A 158 22.56 18.83 2.06
CA SER A 158 21.20 18.52 1.66
C SER A 158 20.95 18.86 0.19
N PHE A 159 20.20 18.01 -0.49
CA PHE A 159 19.91 18.17 -1.92
C PHE A 159 18.41 18.07 -2.20
N SER A 160 17.96 18.72 -3.27
CA SER A 160 16.56 18.66 -3.70
C SER A 160 16.46 18.29 -5.17
N ILE A 161 15.74 17.21 -5.45
CA ILE A 161 15.55 16.70 -6.81
C ILE A 161 14.05 16.58 -7.09
N PRO A 162 13.58 17.20 -8.20
CA PRO A 162 12.17 17.08 -8.55
C PRO A 162 11.85 15.72 -9.17
N TYR A 163 10.56 15.45 -9.36
CA TYR A 163 10.11 14.20 -9.94
C TYR A 163 10.52 14.12 -11.42
N THR A 164 11.59 13.39 -11.69
CA THR A 164 12.16 13.31 -13.04
C THR A 164 11.90 11.96 -13.74
N SER A 165 11.16 11.06 -13.08
CA SER A 165 10.89 9.73 -13.64
C SER A 165 10.04 9.82 -14.90
N PRO A 166 10.33 8.96 -15.90
CA PRO A 166 9.52 8.94 -17.12
C PRO A 166 8.16 8.26 -16.94
N LEU A 167 7.98 7.51 -15.85
CA LEU A 167 6.69 6.91 -15.52
C LEU A 167 5.75 7.93 -14.91
N SER A 168 4.45 7.64 -14.95
CA SER A 168 3.44 8.50 -14.35
C SER A 168 3.55 8.48 -12.82
N ALA A 169 3.80 7.30 -12.27
CA ALA A 169 4.00 7.14 -10.83
C ALA A 169 5.00 6.02 -10.56
N ILE A 170 5.92 6.26 -9.63
CA ILE A 170 6.96 5.30 -9.28
C ILE A 170 6.38 4.17 -8.44
N PRO A 171 6.41 2.92 -8.94
CA PRO A 171 5.87 1.80 -8.17
C PRO A 171 6.85 1.26 -7.14
N THR A 172 6.34 0.96 -5.96
CA THR A 172 7.13 0.34 -4.89
C THR A 172 7.19 -1.18 -5.06
N SER A 173 6.14 -1.73 -5.67
CA SER A 173 6.08 -3.16 -6.00
C SER A 173 5.71 -3.31 -7.47
N TYR A 174 6.27 -4.32 -8.13
CA TYR A 174 6.08 -4.51 -9.56
C TYR A 174 6.03 -5.99 -9.93
N PHE A 175 4.92 -6.41 -10.52
CA PHE A 175 4.74 -7.79 -10.98
C PHE A 175 4.95 -7.84 -12.48
N GLY A 176 6.19 -8.11 -12.89
CA GLY A 176 6.53 -8.23 -14.30
C GLY A 176 8.03 -8.21 -14.52
N TRP A 177 8.44 -7.96 -15.77
CA TRP A 177 9.85 -7.87 -16.12
C TRP A 177 10.19 -6.47 -16.64
N GLU A 178 11.39 -6.01 -16.31
CA GLU A 178 11.87 -4.70 -16.73
C GLU A 178 12.09 -4.65 -18.24
N ASP A 179 12.71 -5.71 -18.78
CA ASP A 179 13.06 -5.79 -20.20
C ASP A 179 12.27 -6.86 -20.93
N TRP A 180 12.18 -6.72 -22.25
CA TRP A 180 11.43 -7.67 -23.09
C TRP A 180 12.06 -9.07 -23.10
N SER A 181 13.36 -9.15 -22.85
CA SER A 181 14.05 -10.45 -22.77
C SER A 181 13.69 -11.20 -21.48
N GLY A 182 13.24 -10.47 -20.46
CA GLY A 182 12.81 -11.07 -19.20
C GLY A 182 13.96 -11.57 -18.36
N THR A 183 14.96 -10.72 -18.16
CA THR A 183 16.13 -11.05 -17.34
C THR A 183 15.99 -10.55 -15.91
N ASN A 184 15.48 -9.33 -15.75
CA ASN A 184 15.26 -8.74 -14.43
C ASN A 184 13.79 -8.74 -14.05
N PHE A 185 13.44 -9.49 -13.00
CA PHE A 185 12.06 -9.59 -12.52
C PHE A 185 11.82 -8.66 -11.33
N GLY A 186 10.70 -7.95 -11.36
CA GLY A 186 10.27 -7.10 -10.25
C GLY A 186 11.11 -5.85 -10.06
N GLN A 187 11.56 -5.26 -11.15
CA GLN A 187 12.38 -4.05 -11.09
C GLN A 187 12.07 -3.07 -12.22
N LEU A 188 12.24 -1.79 -11.93
CA LEU A 188 12.11 -0.73 -12.92
C LEU A 188 13.14 0.36 -12.60
N SER A 189 14.30 0.27 -13.25
CA SER A 189 15.42 1.18 -12.99
C SER A 189 15.04 2.64 -13.24
N SER A 190 14.20 2.88 -14.24
CA SER A 190 13.74 4.24 -14.56
C SER A 190 12.72 4.75 -13.55
N GLY A 191 11.97 3.83 -12.92
CA GLY A 191 11.02 4.19 -11.88
C GLY A 191 11.72 4.58 -10.59
N SER A 192 12.28 5.78 -10.58
CA SER A 192 13.07 6.27 -9.46
C SER A 192 13.35 7.76 -9.65
N TRP A 193 14.07 8.36 -8.71
CA TRP A 193 14.54 9.74 -8.87
C TRP A 193 15.91 9.78 -9.53
N GLY A 194 16.45 8.62 -9.91
CA GLY A 194 17.73 8.54 -10.60
C GLY A 194 18.79 7.87 -9.75
N ASN A 195 20.05 8.18 -10.04
CA ASN A 195 21.19 7.65 -9.29
C ASN A 195 22.15 8.77 -8.91
N LEU A 196 22.73 8.68 -7.72
CA LEU A 196 23.70 9.66 -7.24
C LEU A 196 25.10 9.05 -7.26
N MET A 197 26.00 9.67 -8.02
CA MET A 197 27.35 9.17 -8.21
C MET A 197 28.35 9.96 -7.38
N LEU A 198 29.12 9.25 -6.56
CA LEU A 198 30.03 9.86 -5.59
C LEU A 198 31.49 9.58 -5.96
N ILE A 199 32.33 10.61 -5.86
CA ILE A 199 33.78 10.46 -6.06
C ILE A 199 34.54 11.27 -5.01
N PRO A 200 35.28 10.59 -4.11
CA PRO A 200 36.11 11.31 -3.15
C PRO A 200 37.36 11.91 -3.78
N SER A 201 37.81 13.04 -3.24
CA SER A 201 39.00 13.73 -3.74
C SER A 201 39.90 14.15 -2.59
N LEU A 202 41.20 13.91 -2.73
CA LEU A 202 42.18 14.24 -1.70
C LEU A 202 43.34 15.03 -2.30
N SER A 203 43.75 16.08 -1.60
CA SER A 203 44.88 16.91 -2.03
C SER A 203 46.20 16.33 -1.53
N VAL A 204 46.17 15.73 -0.34
CA VAL A 204 47.34 15.04 0.22
C VAL A 204 47.31 13.57 -0.21
N ASP A 205 48.48 12.92 -0.14
CA ASP A 205 48.60 11.50 -0.48
C ASP A 205 48.75 10.65 0.78
N SER A 206 47.78 9.78 1.04
CA SER A 206 47.83 8.87 2.18
C SER A 206 48.44 7.53 1.75
N ALA A 207 49.23 6.93 2.65
CA ALA A 207 49.88 5.65 2.37
C ALA A 207 48.92 4.47 2.49
N ILE A 208 47.93 4.60 3.39
CA ILE A 208 46.94 3.55 3.62
C ILE A 208 45.60 3.95 3.00
N PRO A 209 45.04 3.11 2.11
CA PRO A 209 43.73 3.42 1.54
C PRO A 209 42.61 3.23 2.56
N PHE A 210 41.81 4.28 2.77
CA PHE A 210 40.75 4.28 3.77
C PHE A 210 39.39 4.37 3.09
N ASP A 211 38.34 4.02 3.83
CA ASP A 211 36.98 4.01 3.30
C ASP A 211 36.09 5.04 4.01
N PHE A 212 35.24 5.70 3.24
CA PHE A 212 34.26 6.65 3.79
C PHE A 212 33.01 5.91 4.25
N GLN A 213 32.34 6.47 5.26
CA GLN A 213 31.06 5.94 5.71
C GLN A 213 29.95 6.90 5.29
N LEU A 214 28.88 6.35 4.72
CA LEU A 214 27.80 7.15 4.14
C LEU A 214 26.48 6.91 4.86
N SER A 215 25.81 8.00 5.23
CA SER A 215 24.47 7.94 5.84
C SER A 215 23.54 8.86 5.07
N CYS A 216 22.32 8.40 4.82
CA CYS A 216 21.36 9.13 4.00
C CYS A 216 20.05 9.38 4.73
N TRP A 217 19.50 10.59 4.53
CA TRP A 217 18.15 10.92 4.98
C TRP A 217 17.32 11.32 3.78
N VAL A 218 16.03 11.00 3.81
CA VAL A 218 15.14 11.29 2.69
C VAL A 218 13.82 11.92 3.14
N ALA A 219 13.36 12.91 2.38
CA ALA A 219 12.07 13.55 2.60
C ALA A 219 11.40 13.78 1.25
N PHE A 220 10.10 14.10 1.29
CA PHE A 220 9.31 14.20 0.06
C PHE A 220 8.44 15.45 0.03
N GLY A 221 8.49 16.16 -1.10
CA GLY A 221 7.67 17.34 -1.34
C GLY A 221 6.55 17.03 -2.31
N ASN A 222 5.37 17.59 -2.04
CA ASN A 222 4.18 17.33 -2.87
C ASN A 222 3.93 15.83 -3.01
N PHE A 223 3.95 15.13 -1.89
CA PHE A 223 3.82 13.69 -1.86
C PHE A 223 2.42 13.24 -2.27
N LYS A 224 2.35 12.41 -3.30
CA LYS A 224 1.09 11.84 -3.77
C LYS A 224 1.23 10.32 -3.82
N ALA A 225 0.20 9.63 -3.35
CA ALA A 225 0.21 8.17 -3.27
C ALA A 225 -1.07 7.58 -3.85
N TRP A 226 -0.95 6.43 -4.49
CA TRP A 226 -2.09 5.74 -5.10
C TRP A 226 -2.10 4.27 -4.72
N VAL A 227 -3.31 3.72 -4.57
CA VAL A 227 -3.52 2.29 -4.35
C VAL A 227 -2.85 1.84 -3.05
N PRO A 228 -3.57 1.95 -1.91
CA PRO A 228 -3.00 1.59 -0.62
C PRO A 228 -2.69 0.10 -0.49
N ARG A 229 -1.69 -0.21 0.34
CA ARG A 229 -1.29 -1.59 0.60
C ARG A 229 -1.28 -1.83 2.10
N PRO A 230 -1.50 -3.09 2.53
CA PRO A 230 -1.50 -3.42 3.96
C PRO A 230 -0.17 -3.10 4.64
N PRO A 231 -0.22 -2.57 5.88
CA PRO A 231 1.00 -2.28 6.62
C PRO A 231 1.83 -3.54 6.91
N PRO A 232 3.16 -3.37 7.07
CA PRO A 232 4.02 -4.52 7.37
C PRO A 232 3.82 -5.03 8.79
N PRO A 233 4.05 -6.35 9.01
CA PRO A 233 3.88 -6.93 10.34
C PRO A 233 4.97 -6.52 11.32
N LEU A 234 4.71 -6.77 12.61
CA LEU A 234 5.60 -6.38 13.69
C LEU A 234 5.59 -7.48 14.76
N PRO A 235 6.26 -7.26 15.91
CA PRO A 235 6.15 -8.26 16.97
C PRO A 235 4.97 -7.96 17.91
N ASN B 12 0.62 27.49 9.76
CA ASN B 12 0.67 26.12 10.25
C ASN B 12 -0.34 25.21 9.56
N ASN B 13 0.02 24.66 8.40
CA ASN B 13 1.32 24.88 7.77
C ASN B 13 2.47 24.39 8.64
N VAL B 14 2.69 23.07 8.62
CA VAL B 14 3.76 22.47 9.42
C VAL B 14 5.08 23.26 9.26
N THR B 15 6.09 22.89 10.04
CA THR B 15 7.37 23.58 10.02
C THR B 15 8.25 23.27 8.81
N THR B 16 7.83 22.31 7.98
CA THR B 16 8.54 21.98 6.73
C THR B 16 8.03 22.88 5.58
N ASP B 17 8.12 22.40 4.35
CA ASP B 17 7.75 23.19 3.17
C ASP B 17 7.43 22.24 2.02
N VAL B 18 6.14 21.93 1.88
CA VAL B 18 5.69 20.96 0.87
C VAL B 18 5.67 21.57 -0.53
N GLY B 19 5.34 22.85 -0.60
CA GLY B 19 5.16 23.55 -1.87
C GLY B 19 3.69 23.93 -2.02
N ALA B 20 3.29 25.19 -1.90
CA ALA B 20 4.13 26.42 -1.79
C ALA B 20 4.78 26.85 -3.11
N ASN B 21 5.64 25.99 -3.66
CA ASN B 21 6.32 26.23 -4.93
C ASN B 21 6.87 27.68 -5.06
N GLY B 22 7.02 28.19 -6.27
CA GLY B 22 7.58 29.53 -6.46
C GLY B 22 7.20 30.21 -7.75
N TRP B 23 8.20 30.74 -8.45
CA TRP B 23 8.05 31.42 -9.73
C TRP B 23 7.36 32.78 -9.60
N ALA B 24 7.87 33.83 -10.26
CA ALA B 24 8.95 33.73 -11.26
C ALA B 24 10.37 33.67 -10.65
N PRO B 25 10.89 34.77 -10.07
CA PRO B 25 12.09 34.58 -9.25
C PRO B 25 11.81 34.70 -7.75
N THR B 26 10.88 33.89 -7.25
CA THR B 26 10.51 33.93 -5.82
C THR B 26 11.23 32.85 -5.01
N VAL B 27 10.87 31.59 -5.25
CA VAL B 27 11.38 30.44 -4.48
C VAL B 27 12.53 29.76 -5.23
N SER B 28 13.12 30.49 -6.20
CA SER B 28 14.24 29.98 -6.99
C SER B 28 14.99 31.12 -7.68
N THR B 29 15.74 31.89 -6.90
CA THR B 29 16.55 33.00 -7.43
C THR B 29 18.02 32.80 -7.08
N GLY B 30 18.87 33.69 -7.60
CA GLY B 30 20.30 33.69 -7.26
C GLY B 30 20.66 34.26 -5.90
N LEU B 31 19.66 34.49 -5.04
CA LEU B 31 19.89 34.96 -3.67
C LEU B 31 19.46 33.96 -2.60
N GLY B 32 18.44 33.15 -2.89
CA GLY B 32 17.95 32.15 -1.95
C GLY B 32 17.18 31.04 -2.62
N ASP B 33 17.14 29.88 -1.98
CA ASP B 33 16.50 28.70 -2.57
C ASP B 33 15.62 27.93 -1.59
N GLY B 34 14.50 27.43 -2.10
CA GLY B 34 13.72 26.41 -1.43
C GLY B 34 13.71 25.18 -2.31
N PRO B 35 13.08 24.09 -1.85
CA PRO B 35 13.07 22.82 -2.59
C PRO B 35 12.33 22.92 -3.93
N VAL B 36 12.97 22.41 -4.99
CA VAL B 36 12.41 22.44 -6.33
C VAL B 36 11.25 21.46 -6.48
N SER B 37 10.24 21.87 -7.25
CA SER B 37 9.03 21.06 -7.46
C SER B 37 8.72 20.92 -8.95
N ALA B 38 8.12 19.78 -9.31
CA ALA B 38 7.76 19.50 -10.70
C ALA B 38 6.31 19.91 -10.95
N SER B 39 6.06 20.45 -12.14
CA SER B 39 4.72 20.92 -12.52
C SER B 39 3.99 19.86 -13.35
N ALA B 40 2.68 20.02 -13.45
CA ALA B 40 1.85 19.12 -14.25
C ALA B 40 2.11 19.36 -15.75
N ASP B 41 2.34 18.28 -16.48
CA ASP B 41 2.59 18.36 -17.92
C ASP B 41 1.26 18.43 -18.66
N SER B 42 0.99 19.56 -19.31
CA SER B 42 -0.23 19.76 -20.07
C SER B 42 -0.03 19.28 -21.50
N LEU B 43 -0.58 18.10 -21.82
CA LEU B 43 -0.36 17.47 -23.12
C LEU B 43 -1.64 17.36 -23.94
N PRO B 44 -1.51 17.48 -25.27
CA PRO B 44 -2.62 17.21 -26.18
C PRO B 44 -2.61 15.76 -26.61
N GLY B 45 -3.79 15.17 -26.75
CA GLY B 45 -3.89 13.81 -27.27
C GLY B 45 -5.25 13.19 -27.05
N ARG B 46 -5.31 11.89 -27.31
CA ARG B 46 -6.54 11.12 -27.23
C ARG B 46 -6.81 10.75 -25.77
N SER B 47 -8.05 10.91 -25.31
CA SER B 47 -8.39 10.70 -23.90
C SER B 47 -8.57 9.23 -23.56
N GLY B 48 -7.61 8.66 -22.83
CA GLY B 48 -7.66 7.25 -22.41
C GLY B 48 -7.19 7.08 -20.98
N GLY B 49 -6.62 5.91 -20.70
CA GLY B 49 -6.12 5.60 -19.35
C GLY B 49 -7.21 5.13 -18.43
N ALA B 50 -8.12 6.05 -18.08
CA ALA B 50 -9.22 5.73 -17.16
C ALA B 50 -10.31 4.95 -17.89
N SER B 51 -10.52 3.71 -17.46
CA SER B 51 -11.57 2.85 -18.02
C SER B 51 -12.96 3.39 -17.67
N SER B 52 -14.00 2.78 -18.25
CA SER B 52 -15.39 3.23 -18.11
C SER B 52 -15.65 4.57 -18.80
N GLU B 53 -14.81 5.57 -18.53
CA GLU B 53 -14.90 6.89 -19.15
C GLU B 53 -13.84 7.07 -20.23
N LYS B 54 -13.93 6.28 -21.29
CA LYS B 54 -12.94 6.34 -22.36
C LYS B 54 -13.15 7.56 -23.25
N THR B 55 -14.22 7.55 -24.04
CA THR B 55 -14.58 8.63 -24.97
C THR B 55 -13.36 9.40 -25.52
N HIS B 56 -12.54 8.70 -26.30
CA HIS B 56 -11.28 9.24 -26.79
C HIS B 56 -11.45 10.01 -28.10
N THR B 57 -11.00 11.27 -28.10
CA THR B 57 -11.12 12.13 -29.27
C THR B 57 -9.90 13.03 -29.41
N VAL B 58 -9.84 13.77 -30.52
CA VAL B 58 -8.76 14.72 -30.77
C VAL B 58 -8.75 15.81 -29.70
N SER B 59 -7.60 16.44 -29.49
CA SER B 59 -7.46 17.49 -28.48
C SER B 59 -7.25 18.85 -29.13
N GLY B 60 -7.16 19.89 -28.29
CA GLY B 60 -6.96 21.25 -28.77
C GLY B 60 -5.57 21.48 -29.34
N SER B 67 5.96 22.65 -35.00
CA SER B 67 6.84 22.90 -33.87
C SER B 67 6.78 24.36 -33.40
N ARG B 68 6.94 24.57 -32.10
CA ARG B 68 6.84 25.90 -31.49
C ARG B 68 8.20 26.56 -31.30
N PHE B 69 9.11 26.36 -32.24
CA PHE B 69 10.41 27.04 -32.24
C PHE B 69 10.94 27.22 -33.66
N SER B 70 11.59 28.35 -33.89
CA SER B 70 12.11 28.69 -35.22
C SER B 70 13.42 27.97 -35.52
N LYS B 71 13.65 27.70 -36.80
CA LYS B 71 14.85 27.00 -37.27
C LYS B 71 15.84 28.01 -37.83
N TRP B 72 17.12 27.63 -37.90
CA TRP B 72 18.17 28.54 -38.36
C TRP B 72 18.21 28.71 -39.89
N TRP B 73 17.71 27.70 -40.60
CA TRP B 73 17.72 27.71 -42.07
C TRP B 73 16.41 28.22 -42.66
N GLU B 74 15.39 28.40 -41.81
CA GLU B 74 14.09 28.93 -42.24
C GLU B 74 13.99 30.43 -41.95
N PRO B 75 13.29 31.18 -42.83
CA PRO B 75 13.07 32.61 -42.60
C PRO B 75 12.12 32.88 -41.43
N THR B 140 -17.38 -0.52 5.32
CA THR B 140 -18.26 -0.55 6.49
C THR B 140 -18.39 -1.96 7.10
N GLY B 141 -18.54 -3.02 6.28
CA GLY B 141 -18.57 -2.94 4.82
C GLY B 141 -19.23 -4.16 4.20
N SER B 142 -18.46 -4.90 3.37
CA SER B 142 -18.97 -6.11 2.72
C SER B 142 -19.44 -7.12 3.76
N THR B 143 -20.37 -8.02 3.43
CA THR B 143 -20.92 -8.21 2.07
C THR B 143 -22.23 -7.44 1.89
N ALA B 144 -22.18 -6.13 2.14
CA ALA B 144 -23.35 -5.29 2.01
C ALA B 144 -23.83 -5.22 0.57
N PRO B 145 -23.33 -4.14 -0.19
CA PRO B 145 -23.82 -4.12 -1.57
C PRO B 145 -22.79 -4.66 -2.55
N SER B 146 -22.95 -4.36 -3.83
CA SER B 146 -22.02 -4.81 -4.85
C SER B 146 -21.63 -3.68 -5.80
N LEU B 147 -20.69 -2.84 -5.35
CA LEU B 147 -20.23 -1.72 -6.15
C LEU B 147 -18.73 -1.78 -6.38
N LEU B 148 -18.22 -0.92 -7.26
CA LEU B 148 -16.80 -0.88 -7.56
C LEU B 148 -15.96 -0.62 -6.31
N ALA B 149 -14.85 -1.33 -6.19
CA ALA B 149 -13.97 -1.18 -5.03
C ALA B 149 -13.37 0.23 -4.93
N TYR B 150 -13.04 0.82 -6.08
CA TYR B 150 -12.71 2.23 -6.17
C TYR B 150 -13.62 2.93 -7.16
N PRO B 151 -13.87 4.24 -6.96
CA PRO B 151 -14.60 5.00 -7.98
C PRO B 151 -13.72 5.23 -9.21
N THR B 152 -14.35 5.28 -10.38
CA THR B 152 -13.63 5.46 -11.64
C THR B 152 -13.02 6.85 -11.73
N ALA B 153 -11.77 6.91 -12.20
CA ALA B 153 -11.01 8.16 -12.25
C ALA B 153 -11.23 8.89 -13.58
N THR B 154 -10.57 10.04 -13.74
CA THR B 154 -10.74 10.87 -14.92
C THR B 154 -9.76 10.49 -16.04
N PRO B 155 -10.19 10.64 -17.31
CA PRO B 155 -9.32 10.31 -18.44
C PRO B 155 -8.13 11.27 -18.60
N VAL B 156 -7.12 10.81 -19.33
CA VAL B 156 -5.90 11.59 -19.55
C VAL B 156 -5.52 11.50 -21.04
N PRO B 157 -4.82 12.54 -21.55
CA PRO B 157 -4.37 12.49 -22.94
C PRO B 157 -3.27 11.45 -23.16
N LEU B 158 -3.44 10.63 -24.20
CA LEU B 158 -2.51 9.53 -24.48
C LEU B 158 -1.31 10.01 -25.31
N PRO B 159 -0.14 9.36 -25.13
CA PRO B 159 1.06 9.72 -25.89
C PRO B 159 1.06 9.23 -27.34
N ASN B 160 0.38 8.11 -27.59
CA ASN B 160 0.31 7.51 -28.93
C ASN B 160 -0.88 8.06 -29.74
N PRO B 161 -0.70 8.25 -31.06
CA PRO B 161 -1.75 8.87 -31.88
C PRO B 161 -2.73 7.88 -32.53
N ASP B 162 -2.44 6.58 -32.49
CA ASP B 162 -3.27 5.59 -33.18
C ASP B 162 -4.62 5.37 -32.49
N GLU B 163 -5.64 5.07 -33.30
CA GLU B 163 -6.99 4.83 -32.80
C GLU B 163 -7.11 3.39 -32.32
N PRO B 164 -7.74 3.18 -31.15
CA PRO B 164 -7.77 1.83 -30.56
C PRO B 164 -8.75 0.88 -31.24
N SER B 165 -8.53 -0.42 -31.02
CA SER B 165 -9.42 -1.47 -31.50
C SER B 165 -10.17 -2.05 -30.30
N GLN B 166 -11.50 -2.09 -30.41
CA GLN B 166 -12.34 -2.53 -29.29
C GLN B 166 -13.05 -3.84 -29.63
N PRO B 167 -12.96 -4.84 -28.72
CA PRO B 167 -13.65 -6.10 -28.95
C PRO B 167 -15.17 -5.99 -28.81
N GLY B 168 -15.63 -5.05 -27.98
CA GLY B 168 -17.06 -4.80 -27.81
C GLY B 168 -17.73 -5.85 -26.93
N PRO B 169 -18.98 -6.25 -27.29
CA PRO B 169 -19.71 -7.22 -26.47
C PRO B 169 -19.14 -8.64 -26.52
N SER B 170 -18.46 -9.00 -27.61
CA SER B 170 -17.81 -10.30 -27.73
C SER B 170 -16.65 -10.45 -26.74
N GLY B 171 -16.02 -9.33 -26.38
CA GLY B 171 -14.91 -9.32 -25.42
C GLY B 171 -15.36 -8.95 -24.02
N ASP B 172 -16.00 -7.78 -23.90
CA ASP B 172 -16.50 -7.32 -22.60
C ASP B 172 -17.78 -8.06 -22.24
N ARG B 173 -17.61 -9.13 -21.46
CA ARG B 173 -18.69 -10.04 -21.14
C ARG B 173 -18.28 -10.86 -19.92
N THR B 174 -19.22 -11.55 -19.29
CA THR B 174 -18.92 -12.38 -18.13
C THR B 174 -18.57 -13.80 -18.56
N TRP B 175 -17.31 -14.19 -18.36
CA TRP B 175 -16.81 -15.51 -18.76
C TRP B 175 -16.70 -16.42 -17.55
N LEU B 176 -16.93 -17.71 -17.76
CA LEU B 176 -16.70 -18.71 -16.72
C LEU B 176 -15.20 -18.96 -16.61
N LEU B 177 -14.57 -18.31 -15.64
CA LEU B 177 -13.11 -18.39 -15.50
C LEU B 177 -12.67 -19.78 -15.06
N ASP B 178 -13.28 -20.29 -13.99
CA ASP B 178 -12.90 -21.59 -13.44
C ASP B 178 -13.97 -22.13 -12.49
N THR B 179 -13.95 -23.45 -12.31
CA THR B 179 -14.81 -24.13 -11.34
C THR B 179 -13.91 -24.85 -10.34
N VAL B 180 -14.05 -24.50 -9.06
CA VAL B 180 -13.17 -25.04 -8.02
C VAL B 180 -13.98 -25.54 -6.81
N THR B 181 -13.38 -26.46 -6.06
CA THR B 181 -14.02 -27.04 -4.88
C THR B 181 -13.56 -26.33 -3.60
N TRP B 182 -14.48 -26.21 -2.65
CA TRP B 182 -14.20 -25.60 -1.35
C TRP B 182 -14.54 -26.59 -0.24
N SER B 183 -13.51 -27.28 0.26
CA SER B 183 -13.68 -28.27 1.33
C SER B 183 -13.51 -27.64 2.71
N GLN B 184 -13.98 -28.36 3.72
CA GLN B 184 -13.91 -27.89 5.11
C GLN B 184 -12.51 -27.99 5.72
N GLU B 185 -11.66 -28.81 5.10
CA GLU B 185 -10.27 -28.95 5.55
C GLU B 185 -9.46 -27.67 5.42
N PHE B 186 -9.87 -26.77 4.53
CA PHE B 186 -9.18 -25.50 4.33
C PHE B 186 -9.39 -24.58 5.53
N THR B 187 -8.29 -23.99 6.00
CA THR B 187 -8.30 -23.15 7.19
C THR B 187 -8.25 -21.67 6.81
N ARG B 188 -8.21 -20.81 7.82
CA ARG B 188 -8.08 -19.36 7.65
C ARG B 188 -6.97 -18.99 6.67
N GLY B 189 -7.29 -18.14 5.69
CA GLY B 189 -6.31 -17.62 4.75
C GLY B 189 -5.78 -18.62 3.75
N TRP B 190 -6.62 -19.58 3.36
CA TRP B 190 -6.26 -20.59 2.37
C TRP B 190 -6.75 -20.15 1.00
N ASN B 191 -5.81 -19.82 0.11
CA ASN B 191 -6.15 -19.39 -1.25
C ASN B 191 -6.61 -20.57 -2.10
N ILE B 192 -7.79 -20.43 -2.71
CA ILE B 192 -8.41 -21.51 -3.48
C ILE B 192 -8.36 -21.18 -4.98
N ALA B 193 -7.90 -22.13 -5.78
CA ALA B 193 -7.85 -21.97 -7.23
C ALA B 193 -7.89 -23.33 -7.92
N GLY B 194 -8.42 -23.36 -9.14
CA GLY B 194 -8.64 -24.61 -9.87
C GLY B 194 -7.65 -24.82 -11.00
N SER B 195 -8.11 -25.51 -12.05
CA SER B 195 -7.26 -25.89 -13.18
C SER B 195 -6.72 -24.68 -13.95
N ASN B 196 -7.56 -23.67 -14.13
CA ASN B 196 -7.16 -22.45 -14.84
C ASN B 196 -6.35 -21.47 -13.98
N GLY B 197 -6.28 -21.73 -12.67
CA GLY B 197 -5.52 -20.88 -11.74
C GLY B 197 -4.04 -21.17 -11.76
N MET B 198 -3.28 -20.33 -11.05
CA MET B 198 -1.82 -20.46 -10.99
C MET B 198 -1.36 -20.43 -9.53
N GLN B 199 -0.35 -21.23 -9.22
CA GLN B 199 0.29 -21.18 -7.91
C GLN B 199 1.19 -19.94 -7.86
N TRP B 200 0.75 -18.95 -7.10
CA TRP B 200 1.50 -17.70 -6.97
C TRP B 200 1.43 -17.15 -5.55
N THR B 201 2.46 -17.48 -4.75
CA THR B 201 2.63 -16.93 -3.42
C THR B 201 3.70 -15.83 -3.41
N GLY B 202 4.26 -15.54 -4.59
CA GLY B 202 5.35 -14.57 -4.72
C GLY B 202 6.74 -15.17 -4.73
N LEU B 203 6.85 -16.42 -4.25
CA LEU B 203 8.13 -17.10 -4.15
C LEU B 203 8.43 -17.99 -5.36
N GLU B 204 7.42 -18.27 -6.18
CA GLU B 204 7.60 -19.14 -7.34
C GLU B 204 8.45 -18.46 -8.42
N SER B 205 9.39 -19.21 -8.99
CA SER B 205 10.27 -18.69 -10.02
C SER B 205 9.59 -18.77 -11.38
N LEU B 206 9.07 -17.63 -11.85
CA LEU B 206 8.33 -17.59 -13.10
C LEU B 206 9.27 -17.61 -14.31
N ILE B 207 9.19 -18.68 -15.10
CA ILE B 207 10.01 -18.83 -16.29
C ILE B 207 9.34 -18.06 -17.43
N PHE B 208 10.09 -17.17 -18.06
CA PHE B 208 9.56 -16.32 -19.14
C PHE B 208 9.54 -17.08 -20.46
N PRO B 209 8.45 -16.98 -21.24
CA PRO B 209 7.21 -16.22 -21.00
C PRO B 209 6.25 -16.95 -20.06
N VAL B 210 5.28 -16.21 -19.51
CA VAL B 210 4.34 -16.74 -18.52
C VAL B 210 3.49 -17.91 -19.05
N SER B 211 3.41 -18.06 -20.38
CA SER B 211 2.67 -19.17 -20.99
C SER B 211 3.35 -20.54 -20.84
N THR B 212 4.57 -20.57 -20.31
CA THR B 212 5.27 -21.84 -20.06
C THR B 212 4.48 -22.69 -19.08
N ASP B 213 4.33 -23.97 -19.40
CA ASP B 213 3.48 -24.90 -18.62
C ASP B 213 3.95 -25.09 -17.18
N THR B 214 5.25 -24.95 -16.94
CA THR B 214 5.82 -25.12 -15.60
C THR B 214 5.33 -24.07 -14.60
N ASN B 215 4.85 -22.93 -15.10
CA ASN B 215 4.29 -21.88 -14.24
C ASN B 215 2.91 -22.25 -13.71
N TRP B 216 2.12 -22.95 -14.52
CA TRP B 216 0.72 -23.27 -14.19
C TRP B 216 0.57 -24.64 -13.54
N THR B 217 1.46 -25.57 -13.88
CA THR B 217 1.46 -26.90 -13.27
C THR B 217 2.52 -26.95 -12.17
N SER B 218 2.08 -27.17 -10.94
CA SER B 218 2.97 -27.26 -9.79
C SER B 218 2.69 -28.50 -8.96
N THR B 219 3.62 -28.84 -8.08
CA THR B 219 3.47 -29.99 -7.17
C THR B 219 2.33 -29.80 -6.17
N SER B 220 2.07 -28.55 -5.79
CA SER B 220 0.99 -28.21 -4.87
C SER B 220 -0.18 -27.57 -5.62
N SER B 221 -1.25 -27.26 -4.90
CA SER B 221 -2.46 -26.68 -5.50
C SER B 221 -2.22 -25.20 -5.87
N PRO B 222 -2.82 -24.76 -6.99
CA PRO B 222 -2.71 -23.33 -7.37
C PRO B 222 -3.45 -22.42 -6.39
N THR B 223 -3.14 -21.13 -6.43
CA THR B 223 -3.65 -20.18 -5.44
C THR B 223 -4.27 -18.90 -6.00
N ALA B 224 -3.71 -18.39 -7.10
CA ALA B 224 -4.12 -17.09 -7.63
C ALA B 224 -4.69 -17.15 -9.04
N TYR B 225 -5.30 -16.05 -9.47
CA TYR B 225 -5.76 -15.86 -10.84
C TYR B 225 -5.23 -14.54 -11.36
N PRO B 226 -4.00 -14.54 -11.90
CA PRO B 226 -3.42 -13.31 -12.41
C PRO B 226 -4.11 -12.82 -13.68
N LEU B 227 -4.54 -11.57 -13.68
CA LEU B 227 -5.23 -10.99 -14.82
C LEU B 227 -4.27 -10.10 -15.62
N PRO B 228 -4.32 -10.21 -16.96
CA PRO B 228 -5.18 -11.07 -17.76
C PRO B 228 -4.61 -12.46 -18.07
N PHE B 229 -3.47 -12.82 -17.46
CA PHE B 229 -2.77 -14.06 -17.78
C PHE B 229 -3.66 -15.29 -17.67
N SER B 230 -4.42 -15.39 -16.58
CA SER B 230 -5.33 -16.51 -16.37
C SER B 230 -6.54 -16.46 -17.30
N PHE B 231 -7.02 -15.26 -17.59
CA PHE B 231 -8.17 -15.08 -18.48
C PHE B 231 -7.84 -15.46 -19.93
N VAL B 232 -6.66 -15.03 -20.39
CA VAL B 232 -6.22 -15.32 -21.76
C VAL B 232 -5.91 -16.80 -21.94
N ARG B 233 -5.36 -17.43 -20.91
CA ARG B 233 -5.07 -18.87 -20.95
C ARG B 233 -6.36 -19.70 -20.94
N ALA B 234 -7.36 -19.25 -20.19
CA ALA B 234 -8.64 -19.95 -20.10
C ALA B 234 -9.40 -19.92 -21.43
N TYR B 235 -9.38 -18.76 -22.09
CA TYR B 235 -10.01 -18.59 -23.40
C TYR B 235 -9.01 -17.95 -24.37
N PRO B 236 -8.14 -18.78 -24.99
CA PRO B 236 -7.16 -18.27 -25.95
C PRO B 236 -7.75 -17.86 -27.30
N ASP B 237 -9.00 -18.25 -27.56
CA ASP B 237 -9.65 -17.99 -28.84
C ASP B 237 -10.69 -16.86 -28.79
N SER B 238 -10.81 -16.20 -27.64
CA SER B 238 -11.74 -15.09 -27.49
C SER B 238 -11.24 -13.87 -28.27
N SER B 239 -12.17 -12.98 -28.62
CA SER B 239 -11.83 -11.74 -29.34
C SER B 239 -10.95 -10.83 -28.48
N TRP B 240 -11.10 -10.91 -27.16
CA TRP B 240 -10.26 -10.14 -26.24
C TRP B 240 -8.82 -10.62 -26.30
N ALA B 241 -8.63 -11.93 -26.24
CA ALA B 241 -7.30 -12.54 -26.33
C ALA B 241 -6.69 -12.41 -27.73
N ALA B 242 -7.56 -12.35 -28.75
CA ALA B 242 -7.11 -12.17 -30.13
C ALA B 242 -6.36 -10.84 -30.29
N MET B 243 -6.98 -9.76 -29.84
CA MET B 243 -6.35 -8.43 -29.86
C MET B 243 -5.19 -8.35 -28.85
N TYR B 244 -5.32 -9.06 -27.74
CA TYR B 244 -4.29 -9.09 -26.70
C TYR B 244 -2.96 -9.65 -27.22
N ASN B 245 -3.04 -10.67 -28.08
CA ASN B 245 -1.85 -11.26 -28.70
C ASN B 245 -1.39 -10.52 -29.95
N THR B 246 -2.14 -9.50 -30.36
CA THR B 246 -1.85 -8.73 -31.58
C THR B 246 -1.46 -7.27 -31.30
N HIS B 247 -1.79 -6.76 -30.10
CA HIS B 247 -1.43 -5.40 -29.73
C HIS B 247 -0.42 -5.40 -28.58
N SER B 248 0.48 -4.41 -28.59
CA SER B 248 1.52 -4.30 -27.59
C SER B 248 1.01 -3.80 -26.24
N MET B 249 -0.12 -3.09 -26.24
CA MET B 249 -0.67 -2.53 -25.01
C MET B 249 -2.19 -2.58 -24.96
N TRP B 250 -2.71 -2.68 -23.74
CA TRP B 250 -4.14 -2.80 -23.51
C TRP B 250 -4.57 -1.93 -22.33
N ASN B 251 -5.88 -1.84 -22.13
CA ASN B 251 -6.46 -1.03 -21.05
C ASN B 251 -7.90 -1.42 -20.79
N CYS B 252 -8.16 -1.99 -19.61
CA CYS B 252 -9.52 -2.33 -19.20
C CYS B 252 -9.60 -2.55 -17.69
N GLY B 253 -10.82 -2.46 -17.17
CA GLY B 253 -11.11 -2.81 -15.78
C GLY B 253 -11.41 -4.28 -15.67
N TRP B 254 -11.71 -4.74 -14.46
CA TRP B 254 -12.00 -6.15 -14.20
C TRP B 254 -13.12 -6.30 -13.18
N ARG B 255 -14.01 -7.25 -13.44
CA ARG B 255 -15.08 -7.59 -12.50
C ARG B 255 -15.07 -9.10 -12.27
N VAL B 256 -14.97 -9.49 -11.01
CA VAL B 256 -14.96 -10.90 -10.64
C VAL B 256 -16.16 -11.21 -9.76
N GLN B 257 -16.83 -12.32 -10.07
CA GLN B 257 -17.97 -12.78 -9.29
C GLN B 257 -17.83 -14.28 -9.03
N VAL B 258 -18.30 -14.71 -7.87
CA VAL B 258 -18.24 -16.12 -7.47
C VAL B 258 -19.59 -16.53 -6.89
N THR B 259 -20.10 -17.67 -7.36
CA THR B 259 -21.35 -18.23 -6.84
C THR B 259 -21.08 -19.50 -6.06
N VAL B 260 -21.48 -19.52 -4.79
CA VAL B 260 -21.38 -20.70 -3.95
C VAL B 260 -22.73 -20.96 -3.28
N ASN B 261 -23.43 -21.99 -3.76
CA ASN B 261 -24.74 -22.36 -3.21
C ASN B 261 -24.59 -23.33 -2.04
N GLY B 262 -25.04 -22.89 -0.88
CA GLY B 262 -25.16 -23.76 0.29
C GLY B 262 -26.59 -23.69 0.80
N SER B 263 -27.05 -24.77 1.42
CA SER B 263 -28.37 -24.78 2.04
C SER B 263 -28.38 -23.84 3.24
N GLN B 264 -29.55 -23.65 3.83
CA GLN B 264 -29.69 -22.80 5.01
C GLN B 264 -28.98 -23.38 6.24
N PHE B 265 -28.53 -24.62 6.12
CA PHE B 265 -27.86 -25.33 7.21
C PHE B 265 -26.34 -25.24 7.11
N HIS B 266 -25.84 -24.63 6.04
CA HIS B 266 -24.41 -24.45 5.83
C HIS B 266 -23.91 -23.14 6.44
N ALA B 267 -22.64 -23.13 6.84
CA ALA B 267 -22.00 -21.95 7.40
C ALA B 267 -20.56 -21.85 6.91
N GLY B 268 -20.06 -20.62 6.82
CA GLY B 268 -18.72 -20.35 6.31
C GLY B 268 -18.67 -19.05 5.54
N ALA B 269 -17.47 -18.53 5.35
CA ALA B 269 -17.27 -17.25 4.68
C ALA B 269 -16.01 -17.25 3.82
N LEU B 270 -16.14 -16.80 2.58
CA LEU B 270 -15.00 -16.62 1.67
C LEU B 270 -14.81 -15.14 1.39
N ILE B 271 -13.57 -14.76 1.08
CA ILE B 271 -13.26 -13.37 0.74
C ILE B 271 -12.74 -13.29 -0.69
N LEU B 272 -13.35 -12.42 -1.49
CA LEU B 272 -12.93 -12.19 -2.87
C LEU B 272 -11.97 -10.99 -2.93
N TYR B 273 -10.68 -11.28 -2.99
CA TYR B 273 -9.65 -10.22 -2.99
C TYR B 273 -9.19 -9.88 -4.40
N MET B 274 -9.01 -8.58 -4.65
CA MET B 274 -8.36 -8.10 -5.86
C MET B 274 -7.05 -7.42 -5.45
N VAL B 275 -5.94 -8.11 -5.66
CA VAL B 275 -4.63 -7.66 -5.19
C VAL B 275 -3.87 -6.96 -6.32
N PRO B 276 -3.54 -5.66 -6.14
CA PRO B 276 -2.75 -4.94 -7.14
C PRO B 276 -1.26 -5.22 -7.03
N GLU B 277 -0.63 -5.55 -8.17
CA GLU B 277 0.81 -5.85 -8.24
C GLU B 277 1.21 -6.87 -7.19
N ALA B 278 0.70 -8.09 -7.35
CA ALA B 278 0.93 -9.16 -6.38
C ALA B 278 2.39 -9.57 -6.31
N THR B 279 3.00 -9.37 -5.14
CA THR B 279 4.36 -9.80 -4.87
C THR B 279 4.41 -10.54 -3.52
N THR B 280 5.58 -11.09 -3.19
CA THR B 280 5.73 -11.97 -2.02
C THR B 280 5.11 -11.41 -0.74
N HIS B 281 5.43 -10.15 -0.43
CA HIS B 281 4.93 -9.53 0.79
C HIS B 281 3.45 -9.14 0.70
N ALA B 282 3.02 -8.71 -0.49
CA ALA B 282 1.64 -8.26 -0.69
C ALA B 282 0.62 -9.40 -0.59
N ILE B 283 1.01 -10.58 -1.06
CA ILE B 283 0.11 -11.74 -1.09
C ILE B 283 -0.03 -12.33 0.32
N GLN B 284 1.04 -12.31 1.10
CA GLN B 284 1.03 -12.84 2.46
C GLN B 284 0.30 -11.92 3.44
N THR B 285 0.34 -10.61 3.20
CA THR B 285 -0.43 -9.65 4.00
C THR B 285 -1.91 -9.68 3.64
N ALA B 286 -2.24 -10.16 2.44
CA ALA B 286 -3.64 -10.34 2.04
C ALA B 286 -4.28 -11.53 2.76
N ARG B 287 -3.45 -12.49 3.19
CA ARG B 287 -3.91 -13.62 3.99
C ARG B 287 -4.18 -13.21 5.44
N ASP B 288 -3.52 -12.13 5.88
CA ASP B 288 -3.52 -11.73 7.29
C ASP B 288 -4.68 -10.78 7.62
N ASN B 289 -4.63 -10.16 8.79
CA ASN B 289 -5.73 -9.34 9.32
C ASN B 289 -5.90 -7.99 8.64
N ALA B 290 -4.79 -7.41 8.17
CA ALA B 290 -4.80 -6.09 7.52
C ALA B 290 -5.14 -6.15 6.03
N GLY B 291 -5.40 -7.35 5.51
CA GLY B 291 -5.69 -7.54 4.09
C GLY B 291 -6.93 -6.82 3.58
N PHE B 292 -7.82 -6.42 4.48
CA PHE B 292 -9.06 -5.74 4.11
C PHE B 292 -8.85 -4.28 3.67
N VAL B 293 -7.59 -3.83 3.62
CA VAL B 293 -7.24 -2.56 2.99
C VAL B 293 -7.41 -2.69 1.48
N PHE B 294 -7.05 -3.87 0.94
CA PHE B 294 -7.29 -4.16 -0.48
C PHE B 294 -8.78 -4.27 -0.76
N PRO B 295 -9.18 -4.10 -2.04
CA PRO B 295 -10.55 -4.34 -2.47
C PRO B 295 -11.04 -5.72 -2.06
N TYR B 296 -12.22 -5.77 -1.44
CA TYR B 296 -12.73 -7.04 -0.93
C TYR B 296 -14.26 -7.07 -0.85
N VAL B 297 -14.79 -8.28 -0.98
CA VAL B 297 -16.17 -8.59 -0.65
C VAL B 297 -16.21 -9.99 -0.05
N ILE B 298 -17.06 -10.20 0.95
CA ILE B 298 -17.13 -11.47 1.67
C ILE B 298 -18.32 -12.27 1.18
N LEU B 299 -18.13 -13.56 0.92
CA LEU B 299 -19.23 -14.43 0.52
C LEU B 299 -19.65 -15.29 1.72
N ASN B 300 -20.49 -14.72 2.57
CA ASN B 300 -20.93 -15.38 3.79
C ASN B 300 -22.14 -16.27 3.51
N LEU B 301 -22.01 -17.56 3.82
CA LEU B 301 -23.08 -18.54 3.59
C LEU B 301 -24.32 -18.30 4.45
N TYR B 302 -24.18 -17.50 5.49
CA TYR B 302 -25.32 -17.14 6.34
C TYR B 302 -26.43 -16.42 5.57
N GLU B 303 -26.04 -15.58 4.61
CA GLU B 303 -27.01 -14.77 3.86
C GLU B 303 -26.85 -14.83 2.34
N SER B 304 -25.63 -14.91 1.84
CA SER B 304 -25.35 -14.83 0.40
C SER B 304 -25.08 -16.19 -0.23
N ASN B 305 -25.37 -16.28 -1.53
CA ASN B 305 -24.93 -17.39 -2.37
C ASN B 305 -23.93 -16.92 -3.44
N THR B 306 -23.78 -15.61 -3.58
CA THR B 306 -22.87 -15.03 -4.56
C THR B 306 -22.38 -13.66 -4.08
N ALA B 307 -21.21 -13.26 -4.57
CA ALA B 307 -20.63 -11.96 -4.24
C ALA B 307 -19.83 -11.44 -5.43
N THR B 308 -20.04 -10.17 -5.76
CA THR B 308 -19.43 -9.55 -6.92
C THR B 308 -18.50 -8.42 -6.49
N ILE B 309 -17.42 -8.23 -7.23
CA ILE B 309 -16.47 -7.16 -6.97
C ILE B 309 -15.86 -6.69 -8.29
N GLU B 310 -15.76 -5.39 -8.46
CA GLU B 310 -15.24 -4.79 -9.69
C GLU B 310 -14.21 -3.73 -9.36
N VAL B 311 -13.17 -3.65 -10.18
CA VAL B 311 -12.08 -2.69 -9.97
C VAL B 311 -11.75 -2.01 -11.30
N PRO B 312 -11.52 -0.69 -11.26
CA PRO B 312 -11.09 0.00 -12.48
C PRO B 312 -9.62 -0.27 -12.78
N TYR B 313 -9.17 0.23 -13.93
CA TYR B 313 -7.82 -0.01 -14.42
C TYR B 313 -6.75 0.70 -13.57
N ILE B 314 -5.61 0.03 -13.38
CA ILE B 314 -4.44 0.60 -12.71
C ILE B 314 -3.16 0.20 -13.44
N SER B 315 -2.12 1.03 -13.30
CA SER B 315 -0.80 0.77 -13.91
C SER B 315 0.11 1.99 -13.74
N PRO B 316 1.44 1.79 -13.81
CA PRO B 316 2.35 2.95 -13.88
C PRO B 316 2.31 3.71 -15.21
N THR B 317 1.79 3.07 -16.27
CA THR B 317 1.62 3.72 -17.58
C THR B 317 0.14 3.77 -17.96
N PRO B 318 -0.25 4.69 -18.85
CA PRO B 318 -1.65 4.77 -19.26
C PRO B 318 -2.17 3.51 -19.97
N ASN B 319 -1.25 2.74 -20.56
CA ASN B 319 -1.60 1.46 -21.21
C ASN B 319 -0.61 0.37 -20.80
N THR B 320 -1.15 -0.80 -20.45
CA THR B 320 -0.35 -1.91 -19.93
C THR B 320 0.24 -2.76 -21.05
N SER B 321 1.50 -3.14 -20.91
CA SER B 321 2.18 -3.98 -21.90
C SER B 321 1.61 -5.40 -21.89
N SER B 322 1.31 -5.92 -23.08
CA SER B 322 0.69 -7.25 -23.22
C SER B 322 1.71 -8.35 -22.93
N GLY B 323 1.28 -9.33 -22.12
CA GLY B 323 2.10 -10.50 -21.83
C GLY B 323 3.23 -10.29 -20.81
N LEU B 324 3.37 -9.06 -20.30
CA LEU B 324 4.49 -8.73 -19.42
C LEU B 324 4.10 -7.98 -18.13
N HIS B 325 2.81 -7.88 -17.84
CA HIS B 325 2.36 -7.14 -16.67
C HIS B 325 0.95 -7.57 -16.24
N ALA B 326 0.82 -7.90 -14.96
CA ALA B 326 -0.46 -8.28 -14.36
C ALA B 326 -0.86 -7.24 -13.31
N PRO B 327 -1.68 -6.23 -13.72
CA PRO B 327 -2.08 -5.20 -12.76
C PRO B 327 -2.92 -5.74 -11.59
N TRP B 328 -3.91 -6.58 -11.90
CA TRP B 328 -4.79 -7.16 -10.87
C TRP B 328 -4.62 -8.68 -10.80
N THR B 329 -4.81 -9.21 -9.59
CA THR B 329 -4.82 -10.65 -9.36
C THR B 329 -5.95 -11.00 -8.39
N PHE B 330 -6.72 -12.03 -8.71
CA PHE B 330 -7.85 -12.45 -7.89
C PHE B 330 -7.44 -13.51 -6.87
N TYR B 331 -7.96 -13.38 -5.65
CA TYR B 331 -7.69 -14.33 -4.57
C TYR B 331 -8.99 -14.67 -3.84
N LEU B 332 -9.39 -15.94 -3.91
CA LEU B 332 -10.57 -16.41 -3.18
C LEU B 332 -10.09 -17.23 -1.99
N GLN B 333 -9.97 -16.57 -0.83
CA GLN B 333 -9.47 -17.22 0.38
C GLN B 333 -10.55 -17.36 1.44
N VAL B 334 -10.26 -18.20 2.42
CA VAL B 334 -11.24 -18.59 3.44
C VAL B 334 -11.07 -17.74 4.70
N LEU B 335 -12.14 -17.09 5.12
CA LEU B 335 -12.16 -16.35 6.38
C LEU B 335 -12.57 -17.31 7.50
N SER B 336 -13.75 -17.89 7.36
CA SER B 336 -14.26 -18.88 8.30
C SER B 336 -14.35 -20.21 7.57
N PRO B 337 -13.63 -21.24 8.05
CA PRO B 337 -13.64 -22.55 7.37
C PRO B 337 -15.06 -23.09 7.16
N LEU B 338 -15.27 -23.73 6.02
CA LEU B 338 -16.57 -24.33 5.70
C LEU B 338 -17.03 -25.21 6.85
N ASN B 339 -18.26 -24.99 7.32
CA ASN B 339 -18.82 -25.71 8.44
C ASN B 339 -20.13 -26.36 8.00
N PRO B 340 -20.03 -27.50 7.29
CA PRO B 340 -21.22 -28.11 6.71
C PRO B 340 -22.03 -28.89 7.75
N PRO B 341 -23.35 -29.04 7.52
CA PRO B 341 -24.15 -29.86 8.43
C PRO B 341 -23.76 -31.33 8.36
N PRO B 342 -23.89 -32.07 9.48
CA PRO B 342 -23.57 -33.51 9.47
C PRO B 342 -24.39 -34.31 8.46
N SER B 343 -23.80 -35.41 8.00
CA SER B 343 -24.42 -36.31 7.00
C SER B 343 -24.59 -35.69 5.61
N LEU B 344 -23.89 -34.57 5.36
CA LEU B 344 -23.89 -33.93 4.05
C LEU B 344 -22.45 -33.91 3.50
N PRO B 345 -22.27 -33.58 2.21
CA PRO B 345 -20.92 -33.50 1.67
C PRO B 345 -20.03 -32.53 2.43
N THR B 346 -18.74 -32.85 2.52
CA THR B 346 -17.78 -32.05 3.25
C THR B 346 -17.14 -30.96 2.39
N SER B 347 -17.74 -30.68 1.23
CA SER B 347 -17.25 -29.64 0.33
C SER B 347 -18.36 -29.12 -0.58
N LEU B 348 -18.26 -27.84 -0.93
CA LEU B 348 -19.20 -27.20 -1.86
C LEU B 348 -18.46 -26.73 -3.11
N SER B 349 -19.15 -26.75 -4.24
CA SER B 349 -18.58 -26.33 -5.52
C SER B 349 -18.72 -24.82 -5.70
N CYS B 350 -17.71 -24.22 -6.31
CA CYS B 350 -17.69 -22.77 -6.57
C CYS B 350 -17.44 -22.51 -8.05
N SER B 351 -18.06 -21.46 -8.57
CA SER B 351 -17.89 -21.07 -9.98
C SER B 351 -17.41 -19.62 -10.06
N ILE B 352 -16.20 -19.44 -10.56
CA ILE B 352 -15.56 -18.13 -10.61
C ILE B 352 -15.75 -17.52 -12.00
N TYR B 353 -16.23 -16.27 -12.03
CA TYR B 353 -16.47 -15.56 -13.28
C TYR B 353 -15.54 -14.36 -13.39
N VAL B 354 -15.23 -13.97 -14.62
CA VAL B 354 -14.35 -12.83 -14.89
C VAL B 354 -14.98 -11.96 -15.98
N THR B 355 -14.88 -10.64 -15.81
CA THR B 355 -15.49 -9.70 -16.74
C THR B 355 -14.56 -8.52 -17.00
N PRO B 356 -13.97 -8.45 -18.23
CA PRO B 356 -13.21 -7.26 -18.59
C PRO B 356 -14.16 -6.09 -18.90
N VAL B 357 -13.88 -4.93 -18.32
CA VAL B 357 -14.78 -3.79 -18.41
C VAL B 357 -14.14 -2.68 -19.25
N ASP B 358 -14.74 -2.40 -20.41
CA ASP B 358 -14.32 -1.31 -21.28
C ASP B 358 -12.89 -1.51 -21.77
N SER B 359 -12.75 -2.31 -22.84
CA SER B 359 -11.44 -2.71 -23.35
C SER B 359 -11.02 -1.95 -24.59
N SER B 360 -9.77 -1.48 -24.61
CA SER B 360 -9.16 -0.84 -25.78
C SER B 360 -7.74 -1.35 -25.98
N PHE B 361 -7.34 -1.48 -27.24
CA PHE B 361 -6.03 -2.02 -27.59
C PHE B 361 -5.31 -1.10 -28.57
N HIS B 362 -4.05 -0.78 -28.27
CA HIS B 362 -3.26 0.14 -29.10
C HIS B 362 -1.99 -0.53 -29.64
N GLY B 363 -1.53 -0.06 -30.79
CA GLY B 363 -0.30 -0.55 -31.40
C GLY B 363 -0.45 -1.92 -32.04
N LEU B 364 -1.08 -1.96 -33.20
CA LEU B 364 -1.29 -3.21 -33.94
C LEU B 364 -0.02 -3.65 -34.64
N ARG B 365 0.34 -4.92 -34.47
CA ARG B 365 1.44 -5.54 -35.22
C ARG B 365 1.25 -7.06 -35.26
N TYR B 366 2.30 -7.80 -35.63
CA TYR B 366 2.24 -9.26 -35.71
C TYR B 366 1.85 -9.96 -34.40
N LEU B 367 1.56 -11.25 -34.52
CA LEU B 367 1.05 -12.06 -33.40
C LEU B 367 2.17 -12.48 -32.46
N ALA B 368 2.14 -11.96 -31.23
CA ALA B 368 3.08 -12.35 -30.18
C ALA B 368 2.29 -12.74 -28.92
N PRO B 369 2.07 -14.06 -28.72
CA PRO B 369 1.30 -14.52 -27.56
C PRO B 369 2.04 -14.36 -26.22
N GLN B 370 1.32 -14.58 -25.12
CA GLN B 370 1.88 -14.39 -23.78
C GLN B 370 2.82 -15.52 -23.38
N HIS C 1 28.13 45.75 2.95
CA HIS C 1 27.88 44.37 3.46
C HIS C 1 27.00 44.38 4.71
N TRP C 2 26.26 43.29 4.91
CA TRP C 2 25.48 43.09 6.14
C TRP C 2 26.40 42.57 7.23
N LYS C 3 26.11 42.93 8.47
CA LYS C 3 26.79 42.35 9.61
C LYS C 3 25.94 41.21 10.15
N THR C 4 26.59 40.15 10.61
CA THR C 4 25.88 38.97 11.08
C THR C 4 26.54 38.32 12.29
N ARG C 5 25.80 37.43 12.92
CA ARG C 5 26.27 36.70 14.10
C ARG C 5 25.52 35.37 14.20
N ALA C 6 26.26 34.29 14.39
CA ALA C 6 25.69 32.95 14.42
C ALA C 6 25.14 32.60 15.80
N VAL C 7 23.88 32.16 15.84
CA VAL C 7 23.26 31.66 17.08
C VAL C 7 23.72 30.22 17.33
N PRO C 8 23.62 29.74 18.59
CA PRO C 8 24.00 28.36 18.89
C PRO C 8 23.23 27.34 18.07
N GLY C 9 23.95 26.39 17.48
CA GLY C 9 23.36 25.34 16.65
C GLY C 9 23.60 25.54 15.16
N ALA C 10 24.84 25.86 14.81
CA ALA C 10 25.22 26.06 13.41
C ALA C 10 25.59 24.72 12.76
N GLY C 11 25.06 24.49 11.56
CA GLY C 11 25.34 23.26 10.82
C GLY C 11 24.57 22.05 11.31
N THR C 12 23.47 22.29 12.01
CA THR C 12 22.67 21.22 12.61
C THR C 12 21.54 20.80 11.67
N PHE C 13 21.39 19.49 11.49
CA PHE C 13 20.37 18.94 10.60
C PHE C 13 19.10 18.61 11.38
N GLY C 14 17.97 19.13 10.90
CA GLY C 14 16.68 18.91 11.55
C GLY C 14 15.68 18.27 10.60
N SER C 15 15.02 17.22 11.06
CA SER C 15 13.99 16.55 10.27
C SER C 15 12.77 17.45 10.06
N ALA C 16 12.49 18.31 11.05
CA ALA C 16 11.36 19.24 10.98
C ALA C 16 11.71 20.62 10.41
N VAL C 17 13.00 20.85 10.15
CA VAL C 17 13.46 22.14 9.66
C VAL C 17 13.35 22.20 8.13
N ALA C 18 12.84 23.32 7.62
CA ALA C 18 12.66 23.52 6.18
C ALA C 18 13.78 24.38 5.60
N GLY C 19 13.96 24.28 4.29
CA GLY C 19 14.90 25.14 3.57
C GLY C 19 16.35 24.77 3.74
N GLN C 20 16.64 23.47 3.86
CA GLN C 20 18.01 22.99 3.99
C GLN C 20 18.58 22.51 2.65
N GLU C 21 17.70 22.13 1.73
CA GLU C 21 18.10 21.49 0.48
C GLU C 21 18.65 22.48 -0.55
N LEU C 22 19.65 22.04 -1.30
CA LEU C 22 20.16 22.78 -2.44
C LEU C 22 19.86 21.99 -3.71
N PRO C 23 19.64 22.69 -4.85
CA PRO C 23 19.21 22.00 -6.06
C PRO C 23 20.26 21.07 -6.68
N LEU C 24 19.93 19.79 -6.77
CA LEU C 24 20.79 18.80 -7.42
C LEU C 24 20.25 18.40 -8.80
N CYS C 25 19.28 19.17 -9.30
CA CYS C 25 18.76 19.00 -10.66
C CYS C 25 18.42 20.38 -11.21
N GLY C 26 19.00 20.72 -12.36
CA GLY C 26 18.96 22.08 -12.87
C GLY C 26 17.65 22.47 -13.54
N VAL C 27 17.09 21.54 -14.30
CA VAL C 27 15.96 21.84 -15.19
C VAL C 27 14.61 21.59 -14.50
N ARG C 28 13.57 22.27 -15.00
CA ARG C 28 12.23 22.12 -14.45
C ARG C 28 11.60 20.85 -14.99
N ALA C 29 11.22 19.95 -14.08
CA ALA C 29 10.68 18.66 -14.45
C ALA C 29 9.17 18.73 -14.65
N TYR C 30 8.68 17.85 -15.52
CA TYR C 30 7.25 17.73 -15.80
C TYR C 30 6.85 16.28 -15.64
N TYR C 31 6.04 15.99 -14.63
CA TYR C 31 5.63 14.61 -14.41
C TYR C 31 4.53 14.20 -15.38
N PRO C 32 4.60 12.98 -15.92
CA PRO C 32 3.58 12.48 -16.84
C PRO C 32 2.20 12.43 -16.20
N PRO C 33 1.13 12.50 -17.02
CA PRO C 33 -0.23 12.50 -16.46
C PRO C 33 -0.55 11.25 -15.64
N ASN C 34 -1.11 11.45 -14.45
CA ASN C 34 -1.41 10.35 -13.53
C ASN C 34 -2.85 10.37 -13.00
N ALA C 35 -3.75 11.04 -13.73
CA ALA C 35 -5.15 11.11 -13.32
C ALA C 35 -5.93 9.83 -13.62
N TYR C 36 -5.35 8.94 -14.42
CA TYR C 36 -5.97 7.65 -14.74
C TYR C 36 -5.90 6.65 -13.57
N ILE C 37 -4.99 6.89 -12.62
CA ILE C 37 -4.82 5.97 -11.48
C ILE C 37 -5.85 6.30 -10.40
N PRO C 38 -6.72 5.32 -10.07
CA PRO C 38 -7.74 5.50 -9.04
C PRO C 38 -7.21 5.23 -7.63
N ALA C 39 -8.11 5.29 -6.64
CA ALA C 39 -7.78 4.98 -5.25
C ALA C 39 -6.62 5.80 -4.72
N GLN C 40 -6.72 7.12 -4.89
CA GLN C 40 -5.70 8.02 -4.38
C GLN C 40 -5.97 8.32 -2.91
N VAL C 41 -5.01 7.95 -2.06
CA VAL C 41 -5.09 8.16 -0.62
C VAL C 41 -4.35 9.45 -0.25
N ARG C 42 -4.89 10.18 0.73
CA ARG C 42 -4.25 11.42 1.20
C ARG C 42 -4.12 11.51 2.73
N ASP C 43 -4.68 10.56 3.46
CA ASP C 43 -4.71 10.65 4.91
C ASP C 43 -4.53 9.28 5.58
N TRP C 44 -3.85 9.26 6.72
CA TRP C 44 -3.62 8.02 7.47
C TRP C 44 -4.90 7.49 8.13
N LEU C 45 -5.85 8.36 8.41
CA LEU C 45 -7.11 7.95 9.03
C LEU C 45 -8.00 7.13 8.10
N GLU C 46 -7.78 7.25 6.80
CA GLU C 46 -8.53 6.46 5.82
C GLU C 46 -8.18 4.97 5.95
N PHE C 47 -6.92 4.67 6.27
CA PHE C 47 -6.51 3.31 6.60
C PHE C 47 -7.25 2.81 7.84
N ALA C 48 -7.36 3.67 8.85
CA ALA C 48 -8.03 3.32 10.09
C ALA C 48 -9.53 3.07 9.90
N HIS C 49 -10.13 3.71 8.91
CA HIS C 49 -11.55 3.51 8.61
C HIS C 49 -11.84 2.18 7.91
N ARG C 50 -10.83 1.58 7.29
CA ARG C 50 -10.98 0.27 6.67
C ARG C 50 -11.13 -0.79 7.75
N PRO C 51 -11.92 -1.85 7.47
CA PRO C 51 -12.10 -2.90 8.47
C PRO C 51 -10.80 -3.64 8.78
N GLY C 52 -10.77 -4.29 9.93
CA GLY C 52 -9.60 -5.06 10.36
C GLY C 52 -9.95 -6.04 11.44
N LEU C 53 -9.74 -7.32 11.17
CA LEU C 53 -10.07 -8.38 12.12
C LEU C 53 -9.15 -8.29 13.33
N MET C 54 -9.73 -8.48 14.52
CA MET C 54 -8.96 -8.43 15.77
C MET C 54 -9.04 -9.71 16.59
N ALA C 55 -10.19 -10.37 16.60
CA ALA C 55 -10.37 -11.61 17.37
C ALA C 55 -11.40 -12.53 16.72
N THR C 56 -11.05 -13.81 16.61
CA THR C 56 -11.96 -14.83 16.12
C THR C 56 -12.53 -15.57 17.33
N VAL C 57 -13.70 -15.12 17.78
CA VAL C 57 -14.31 -15.65 19.01
C VAL C 57 -15.27 -16.79 18.68
N PRO C 58 -15.00 -18.00 19.19
CA PRO C 58 -15.89 -19.13 18.94
C PRO C 58 -17.09 -19.14 19.88
N TRP C 59 -18.14 -19.83 19.49
CA TRP C 59 -19.38 -19.88 20.25
C TRP C 59 -20.14 -21.17 19.94
N THR C 60 -20.26 -22.03 20.95
CA THR C 60 -20.89 -23.35 20.78
C THR C 60 -22.25 -23.40 21.46
N MET C 61 -22.98 -24.49 21.20
CA MET C 61 -24.27 -24.72 21.83
C MET C 61 -24.13 -25.16 23.29
N ALA C 62 -22.93 -25.64 23.66
CA ALA C 62 -22.65 -26.05 25.03
C ALA C 62 -22.40 -24.88 25.99
N ASP C 63 -22.17 -23.69 25.45
CA ASP C 63 -21.89 -22.51 26.27
C ASP C 63 -23.15 -22.04 27.01
N GLU C 64 -23.05 -21.96 28.33
CA GLU C 64 -24.17 -21.57 29.19
C GLU C 64 -24.26 -20.05 29.30
N PRO C 65 -25.36 -19.54 29.87
CA PRO C 65 -25.46 -18.09 30.13
C PRO C 65 -24.39 -17.58 31.08
N ALA C 66 -24.03 -16.31 30.94
CA ALA C 66 -22.98 -15.67 31.75
C ALA C 66 -21.59 -16.28 31.51
N GLU C 67 -21.35 -16.78 30.29
CA GLU C 67 -20.04 -17.32 29.91
C GLU C 67 -19.29 -16.26 29.11
N ARG C 68 -18.08 -15.93 29.55
CA ARG C 68 -17.25 -14.95 28.85
C ARG C 68 -16.60 -15.59 27.64
N LEU C 69 -16.75 -14.96 26.49
CA LEU C 69 -16.16 -15.44 25.24
C LEU C 69 -14.92 -14.65 24.82
N GLY C 70 -14.80 -13.43 25.32
CA GLY C 70 -13.63 -12.60 25.03
C GLY C 70 -13.67 -11.29 25.78
N ILE C 71 -12.49 -10.72 25.99
CA ILE C 71 -12.35 -9.45 26.70
C ILE C 71 -11.01 -8.84 26.35
N PHE C 72 -10.99 -7.53 26.12
CA PHE C 72 -9.76 -6.82 25.84
C PHE C 72 -9.85 -5.40 26.39
N PRO C 73 -8.74 -4.90 26.96
CA PRO C 73 -8.71 -3.52 27.42
C PRO C 73 -8.55 -2.55 26.25
N VAL C 74 -9.12 -1.36 26.37
CA VAL C 74 -9.01 -0.34 25.34
C VAL C 74 -7.77 0.51 25.65
N SER C 75 -6.61 -0.12 25.52
CA SER C 75 -5.33 0.51 25.87
C SER C 75 -4.29 0.15 24.81
N PRO C 76 -3.22 0.95 24.70
CA PRO C 76 -2.20 0.68 23.67
C PRO C 76 -1.54 -0.70 23.73
N SER C 77 -1.78 -1.46 24.80
CA SER C 77 -1.31 -2.85 24.86
C SER C 77 -2.12 -3.78 23.97
N ALA C 78 -3.39 -3.43 23.71
CA ALA C 78 -4.27 -4.25 22.89
C ALA C 78 -4.63 -3.57 21.57
N ILE C 79 -5.18 -2.36 21.64
CA ILE C 79 -5.64 -1.63 20.45
C ILE C 79 -4.52 -1.34 19.44
N ALA C 80 -3.27 -1.37 19.90
CA ALA C 80 -2.11 -1.14 19.04
C ALA C 80 -1.45 -2.42 18.52
N GLY C 81 -1.98 -3.58 18.91
CA GLY C 81 -1.39 -4.87 18.50
C GLY C 81 -2.42 -5.90 18.07
N THR C 82 -3.52 -5.47 17.48
CA THR C 82 -4.57 -6.38 17.02
C THR C 82 -4.23 -6.99 15.66
N GLY C 83 -3.45 -6.28 14.86
CA GLY C 83 -3.15 -6.70 13.49
C GLY C 83 -4.04 -6.00 12.47
N ALA C 84 -5.04 -5.27 12.95
CA ALA C 84 -5.93 -4.50 12.09
C ALA C 84 -5.20 -3.27 11.54
N PRO C 85 -5.70 -2.68 10.45
CA PRO C 85 -5.09 -1.46 9.91
C PRO C 85 -5.06 -0.28 10.90
N ILE C 86 -6.13 -0.15 11.70
CA ILE C 86 -6.20 0.91 12.70
C ILE C 86 -5.09 0.81 13.76
N SER C 87 -4.72 -0.41 14.12
CA SER C 87 -3.67 -0.64 15.12
C SER C 87 -2.30 -0.13 14.67
N TYR C 88 -2.07 -0.15 13.35
CA TYR C 88 -0.83 0.35 12.78
C TYR C 88 -0.76 1.87 12.81
N VAL C 89 -1.90 2.52 12.56
CA VAL C 89 -1.99 3.98 12.59
C VAL C 89 -1.83 4.49 14.03
N ILE C 90 -2.39 3.76 14.99
CA ILE C 90 -2.28 4.12 16.41
C ILE C 90 -0.82 4.03 16.90
N SER C 91 -0.12 2.98 16.48
CA SER C 91 1.27 2.75 16.91
C SER C 91 2.26 3.77 16.32
N LEU C 92 1.90 4.38 15.19
CA LEU C 92 2.72 5.43 14.58
C LEU C 92 2.75 6.71 15.43
N PHE C 93 1.67 6.96 16.16
CA PHE C 93 1.51 8.21 16.91
C PHE C 93 1.47 7.98 18.41
N SER C 94 1.49 9.08 19.16
CA SER C 94 1.61 9.03 20.62
C SER C 94 0.29 9.32 21.36
N GLN C 95 -0.67 9.95 20.68
CA GLN C 95 -1.95 10.28 21.30
C GLN C 95 -3.12 9.99 20.37
N TRP C 96 -4.24 9.56 20.95
CA TRP C 96 -5.45 9.27 20.17
C TRP C 96 -6.70 9.72 20.92
N ARG C 97 -7.78 9.87 20.17
CA ARG C 97 -9.07 10.25 20.73
C ARG C 97 -10.19 9.87 19.76
N GLY C 98 -11.44 10.02 20.22
CA GLY C 98 -12.60 9.76 19.39
C GLY C 98 -13.16 8.37 19.54
N GLU C 99 -14.26 8.11 18.84
CA GLU C 99 -14.96 6.82 18.94
C GLU C 99 -14.29 5.73 18.11
N LEU C 100 -14.48 4.49 18.55
CA LEU C 100 -13.99 3.32 17.84
C LEU C 100 -15.18 2.45 17.42
N ALA C 101 -15.21 2.09 16.13
CA ALA C 101 -16.32 1.30 15.58
C ALA C 101 -15.98 -0.19 15.57
N ALA C 102 -16.73 -0.97 16.32
CA ALA C 102 -16.57 -2.43 16.36
C ALA C 102 -17.65 -3.08 15.52
N HIS C 103 -17.27 -4.12 14.77
CA HIS C 103 -18.21 -4.86 13.92
C HIS C 103 -18.07 -6.36 14.16
N LEU C 104 -19.08 -6.95 14.80
CA LEU C 104 -19.10 -8.39 15.05
C LEU C 104 -19.91 -9.10 13.96
N LEU C 105 -19.20 -9.76 13.05
CA LEU C 105 -19.83 -10.47 11.94
C LEU C 105 -20.16 -11.90 12.37
N PHE C 106 -21.44 -12.25 12.31
CA PHE C 106 -21.89 -13.59 12.65
C PHE C 106 -21.79 -14.50 11.42
N THR C 107 -20.79 -15.38 11.42
CA THR C 107 -20.56 -16.29 10.30
C THR C 107 -21.11 -17.70 10.59
N GLY C 108 -22.19 -17.78 11.37
CA GLY C 108 -22.84 -19.04 11.66
C GLY C 108 -23.79 -19.46 10.55
N SER C 109 -24.78 -20.28 10.91
CA SER C 109 -25.80 -20.74 9.99
C SER C 109 -27.05 -19.86 10.09
N ALA C 110 -27.90 -19.96 9.07
CA ALA C 110 -29.16 -19.21 9.04
C ALA C 110 -30.22 -19.84 9.95
N GLN C 111 -29.95 -21.04 10.47
CA GLN C 111 -30.86 -21.73 11.38
C GLN C 111 -30.53 -21.49 12.85
N HIS C 112 -29.36 -20.94 13.13
CA HIS C 112 -28.94 -20.68 14.51
C HIS C 112 -29.68 -19.49 15.11
N TYR C 113 -29.91 -19.56 16.42
CA TYR C 113 -30.49 -18.46 17.19
C TYR C 113 -29.79 -18.31 18.52
N GLY C 114 -29.85 -17.11 19.08
CA GLY C 114 -29.22 -16.83 20.37
C GLY C 114 -28.88 -15.36 20.52
N ARG C 115 -28.26 -15.03 21.64
CA ARG C 115 -27.87 -13.65 21.94
C ARG C 115 -26.50 -13.57 22.59
N LEU C 116 -25.72 -12.59 22.17
CA LEU C 116 -24.44 -12.28 22.79
C LEU C 116 -24.43 -10.80 23.19
N VAL C 117 -24.24 -10.55 24.48
CA VAL C 117 -24.22 -9.18 25.00
C VAL C 117 -22.79 -8.63 24.93
N VAL C 118 -22.65 -7.48 24.27
CA VAL C 118 -21.36 -6.81 24.12
C VAL C 118 -21.34 -5.62 25.06
N CYS C 119 -20.43 -5.65 26.04
CA CYS C 119 -20.37 -4.63 27.07
C CYS C 119 -19.11 -3.78 26.96
N TYR C 120 -19.27 -2.47 27.14
CA TYR C 120 -18.15 -1.56 27.27
C TYR C 120 -18.21 -0.87 28.63
N THR C 121 -17.22 -1.15 29.47
CA THR C 121 -17.12 -0.54 30.79
C THR C 121 -15.97 0.46 30.79
N PRO C 122 -16.20 1.70 31.28
CA PRO C 122 -15.10 2.66 31.41
C PRO C 122 -13.98 2.24 32.36
N ALA C 123 -12.98 3.10 32.50
CA ALA C 123 -11.76 2.77 33.24
C ALA C 123 -12.02 2.48 34.72
N ALA C 124 -11.37 1.43 35.22
CA ALA C 124 -11.47 1.04 36.62
C ALA C 124 -10.24 0.21 37.01
N PRO C 125 -9.90 0.17 38.32
CA PRO C 125 -8.75 -0.60 38.78
C PRO C 125 -8.82 -2.11 38.46
N GLN C 126 -10.04 -2.66 38.44
CA GLN C 126 -10.24 -4.09 38.15
C GLN C 126 -11.25 -4.26 37.01
N PRO C 127 -11.00 -5.21 36.10
CA PRO C 127 -11.96 -5.48 35.03
C PRO C 127 -13.19 -6.24 35.54
N PRO C 128 -14.29 -6.22 34.76
CA PRO C 128 -15.51 -6.92 35.19
C PRO C 128 -15.34 -8.44 35.21
N SER C 129 -15.80 -9.08 36.28
CA SER C 129 -15.60 -10.51 36.50
C SER C 129 -16.76 -11.36 36.00
N THR C 130 -17.99 -10.86 36.17
CA THR C 130 -19.20 -11.57 35.75
C THR C 130 -19.92 -10.82 34.65
N MET C 131 -20.95 -11.44 34.08
CA MET C 131 -21.73 -10.84 33.00
C MET C 131 -22.54 -9.64 33.51
N GLN C 132 -23.25 -9.83 34.62
CA GLN C 132 -24.10 -8.77 35.18
C GLN C 132 -23.29 -7.56 35.63
N GLU C 133 -22.07 -7.80 36.11
CA GLU C 133 -21.17 -6.72 36.50
C GLU C 133 -20.69 -5.94 35.28
N ALA C 134 -20.49 -6.64 34.16
CA ALA C 134 -20.11 -6.01 32.90
C ALA C 134 -21.30 -5.28 32.26
N MET C 135 -22.52 -5.78 32.49
CA MET C 135 -23.73 -5.15 31.96
C MET C 135 -24.13 -3.87 32.69
N ARG C 136 -23.36 -3.45 33.68
CA ARG C 136 -23.60 -2.18 34.37
C ARG C 136 -23.05 -0.98 33.59
N GLY C 137 -22.29 -1.26 32.53
CA GLY C 137 -21.78 -0.20 31.65
C GLY C 137 -22.61 -0.06 30.38
N THR C 138 -22.01 0.54 29.37
CA THR C 138 -22.65 0.72 28.06
C THR C 138 -22.61 -0.60 27.31
N TYR C 139 -23.78 -1.22 27.12
CA TYR C 139 -23.86 -2.52 26.45
C TYR C 139 -24.99 -2.56 25.42
N THR C 140 -24.98 -3.62 24.62
CA THR C 140 -26.00 -3.86 23.62
C THR C 140 -26.23 -5.37 23.50
N VAL C 141 -27.45 -5.81 23.76
CA VAL C 141 -27.80 -7.23 23.60
C VAL C 141 -28.09 -7.49 22.13
N TRP C 142 -27.23 -8.28 21.51
CA TRP C 142 -27.25 -8.47 20.06
C TRP C 142 -27.83 -9.83 19.70
N ASP C 143 -28.97 -9.81 19.00
CA ASP C 143 -29.58 -11.02 18.46
C ASP C 143 -28.91 -11.34 17.13
N VAL C 144 -28.25 -12.49 17.07
CA VAL C 144 -27.43 -12.85 15.92
C VAL C 144 -28.22 -13.06 14.63
N ASN C 145 -29.47 -13.54 14.75
CA ASN C 145 -30.32 -13.76 13.58
C ASN C 145 -31.13 -12.51 13.24
N ALA C 146 -30.47 -11.56 12.60
CA ALA C 146 -31.11 -10.37 12.05
C ALA C 146 -30.32 -9.91 10.82
N ALA C 147 -29.45 -8.92 10.98
CA ALA C 147 -28.43 -8.62 9.98
C ALA C 147 -27.16 -9.36 10.37
N SER C 148 -26.29 -9.61 9.40
CA SER C 148 -25.09 -10.40 9.62
C SER C 148 -24.15 -9.79 10.66
N THR C 149 -23.94 -8.48 10.56
CA THR C 149 -22.96 -7.78 11.40
C THR C 149 -23.63 -6.90 12.44
N LEU C 150 -23.02 -6.81 13.62
CA LEU C 150 -23.45 -5.93 14.70
C LEU C 150 -22.60 -4.66 14.65
N GLU C 151 -23.25 -3.50 14.72
CA GLU C 151 -22.57 -2.21 14.72
C GLU C 151 -22.47 -1.66 16.14
N PHE C 152 -21.44 -2.08 16.86
CA PHE C 152 -21.23 -1.63 18.25
C PHE C 152 -20.27 -0.45 18.28
N THR C 153 -20.75 0.68 18.80
CA THR C 153 -19.92 1.88 18.95
C THR C 153 -19.26 1.87 20.32
N ILE C 154 -17.94 2.05 20.34
CA ILE C 154 -17.20 2.18 21.60
C ILE C 154 -17.05 3.67 21.88
N PRO C 155 -17.84 4.19 22.84
CA PRO C 155 -17.81 5.64 23.09
C PRO C 155 -16.53 6.08 23.78
N PHE C 156 -16.11 7.31 23.52
CA PHE C 156 -14.90 7.88 24.09
C PHE C 156 -15.22 8.53 25.44
N ILE C 157 -15.61 7.70 26.40
CA ILE C 157 -15.88 8.16 27.76
C ILE C 157 -14.53 8.24 28.47
N SER C 158 -13.87 9.38 28.30
CA SER C 158 -12.48 9.54 28.69
C SER C 158 -12.30 10.66 29.71
N ASN C 159 -11.22 10.56 30.49
CA ASN C 159 -10.91 11.52 31.54
C ASN C 159 -10.35 12.81 30.95
N SER C 160 -9.43 12.67 30.00
CA SER C 160 -8.80 13.81 29.34
C SER C 160 -9.20 13.86 27.86
N TYR C 161 -8.71 14.87 27.15
CA TYR C 161 -9.03 15.05 25.73
C TYR C 161 -8.26 14.07 24.83
N TRP C 162 -7.07 13.66 25.27
CA TRP C 162 -6.25 12.72 24.52
C TRP C 162 -5.75 11.57 25.39
N LYS C 163 -5.58 10.41 24.77
CA LYS C 163 -5.06 9.22 25.44
C LYS C 163 -3.69 8.89 24.86
N THR C 164 -2.74 8.60 25.74
CA THR C 164 -1.36 8.31 25.32
C THR C 164 -1.22 6.89 24.79
N VAL C 165 -0.38 6.73 23.77
CA VAL C 165 -0.09 5.42 23.19
C VAL C 165 1.29 4.98 23.68
N ASP C 166 1.33 4.55 24.94
CA ASP C 166 2.56 4.06 25.57
C ASP C 166 2.33 2.61 26.00
N VAL C 167 3.02 1.69 25.33
CA VAL C 167 2.87 0.26 25.59
C VAL C 167 3.48 -0.16 26.93
N ASN C 168 4.41 0.65 27.46
CA ASN C 168 5.03 0.37 28.75
C ASN C 168 4.11 0.68 29.94
N ASN C 169 3.20 1.63 29.76
CA ASN C 169 2.24 2.01 30.80
C ASN C 169 0.82 2.07 30.22
N PRO C 170 0.21 0.89 29.99
CA PRO C 170 -1.11 0.84 29.36
C PRO C 170 -2.27 1.13 30.32
N ASP C 171 -2.09 0.78 31.60
CA ASP C 171 -3.14 0.95 32.62
C ASP C 171 -3.14 2.33 33.28
N ALA C 172 -2.54 3.32 32.63
CA ALA C 172 -2.47 4.67 33.18
C ALA C 172 -3.81 5.40 33.07
N LEU C 173 -3.99 6.42 33.89
CA LEU C 173 -5.21 7.23 33.88
C LEU C 173 -5.40 7.93 32.52
N LEU C 174 -4.29 8.32 31.90
CA LEU C 174 -4.30 9.04 30.62
C LEU C 174 -3.97 8.12 29.44
N SER C 175 -4.33 6.85 29.54
CA SER C 175 -3.98 5.85 28.53
C SER C 175 -5.17 4.98 28.14
N THR C 176 -5.75 4.31 29.12
CA THR C 176 -6.86 3.38 28.90
C THR C 176 -8.21 4.05 29.17
N THR C 177 -9.23 3.65 28.41
CA THR C 177 -10.59 4.13 28.62
C THR C 177 -11.47 3.08 29.30
N GLY C 178 -11.06 1.80 29.27
CA GLY C 178 -11.79 0.74 29.94
C GLY C 178 -11.64 -0.62 29.27
N TYR C 179 -12.68 -1.44 29.39
CA TYR C 179 -12.68 -2.80 28.83
C TYR C 179 -13.90 -3.02 27.93
N VAL C 180 -13.73 -3.86 26.92
CA VAL C 180 -14.83 -4.32 26.08
C VAL C 180 -14.83 -5.84 26.11
N SER C 181 -15.98 -6.43 26.40
CA SER C 181 -16.09 -7.87 26.59
C SER C 181 -17.35 -8.46 25.98
N ILE C 182 -17.28 -9.75 25.62
CA ILE C 182 -18.38 -10.47 25.00
C ILE C 182 -18.83 -11.59 25.94
N TRP C 183 -20.11 -11.58 26.30
CA TRP C 183 -20.69 -12.61 27.17
C TRP C 183 -21.88 -13.26 26.50
N VAL C 184 -22.14 -14.52 26.87
CA VAL C 184 -23.27 -15.28 26.31
C VAL C 184 -24.54 -14.93 27.07
N GLN C 185 -25.45 -14.20 26.41
CA GLN C 185 -26.71 -13.82 27.03
C GLN C 185 -27.70 -14.98 26.96
N ASN C 186 -28.12 -15.35 25.75
CA ASN C 186 -28.96 -16.52 25.53
C ASN C 186 -28.15 -17.59 24.79
N PRO C 187 -28.17 -18.84 25.31
CA PRO C 187 -27.36 -19.89 24.68
C PRO C 187 -27.69 -20.12 23.21
N LEU C 188 -26.65 -20.50 22.44
CA LEU C 188 -26.81 -20.78 21.02
C LEU C 188 -27.72 -21.99 20.83
N VAL C 189 -28.78 -21.82 20.05
CA VAL C 189 -29.73 -22.90 19.77
C VAL C 189 -29.98 -23.01 18.28
N GLY C 190 -30.40 -24.19 17.86
CA GLY C 190 -30.72 -24.46 16.47
C GLY C 190 -31.26 -25.87 16.34
N PRO C 191 -31.84 -26.20 15.16
CA PRO C 191 -32.40 -27.52 14.97
C PRO C 191 -31.33 -28.61 15.03
N HIS C 192 -31.75 -29.86 15.16
CA HIS C 192 -30.83 -30.98 15.12
C HIS C 192 -30.18 -31.05 13.73
N THR C 193 -29.02 -31.70 13.66
CA THR C 193 -28.20 -31.78 12.44
C THR C 193 -27.72 -30.42 11.92
N ALA C 194 -27.82 -29.38 12.75
CA ALA C 194 -27.20 -28.10 12.47
C ALA C 194 -25.83 -28.08 13.12
N PRO C 195 -24.93 -27.18 12.69
CA PRO C 195 -23.61 -27.10 13.33
C PRO C 195 -23.69 -26.77 14.81
N ALA C 196 -22.92 -27.50 15.63
CA ALA C 196 -22.92 -27.30 17.07
C ALA C 196 -22.12 -26.07 17.51
N SER C 197 -21.42 -25.44 16.57
CA SER C 197 -20.63 -24.24 16.85
C SER C 197 -20.82 -23.19 15.76
N ALA C 198 -20.52 -21.94 16.11
CA ALA C 198 -20.63 -20.82 15.18
C ALA C 198 -19.59 -19.76 15.52
N LEU C 199 -18.75 -19.41 14.54
CA LEU C 199 -17.70 -18.43 14.75
C LEU C 199 -18.24 -17.00 14.59
N VAL C 200 -17.71 -16.09 15.42
CA VAL C 200 -18.05 -14.67 15.32
C VAL C 200 -16.76 -13.90 15.05
N GLN C 201 -16.69 -13.26 13.89
CA GLN C 201 -15.51 -12.51 13.48
C GLN C 201 -15.60 -11.06 13.97
N ALA C 202 -14.68 -10.67 14.85
CA ALA C 202 -14.68 -9.34 15.44
C ALA C 202 -13.77 -8.39 14.67
N PHE C 203 -14.36 -7.39 14.03
CA PHE C 203 -13.60 -6.37 13.32
C PHE C 203 -13.53 -5.09 14.13
N ILE C 204 -12.48 -4.31 13.88
CA ILE C 204 -12.30 -3.02 14.53
C ILE C 204 -11.78 -1.99 13.52
N SER C 205 -12.37 -0.81 13.54
CA SER C 205 -11.96 0.29 12.68
C SER C 205 -12.27 1.63 13.36
N ALA C 206 -11.87 2.73 12.72
CA ALA C 206 -12.00 4.05 13.33
C ALA C 206 -13.41 4.61 13.15
N GLY C 207 -13.89 5.29 14.19
CA GLY C 207 -15.15 6.03 14.12
C GLY C 207 -14.98 7.33 13.36
N GLU C 208 -16.07 8.08 13.22
CA GLU C 208 -16.05 9.32 12.46
C GLU C 208 -15.38 10.49 13.19
N SER C 209 -15.13 10.33 14.49
CA SER C 209 -14.46 11.36 15.29
C SER C 209 -13.05 10.94 15.75
N PHE C 210 -12.56 9.81 15.23
CA PHE C 210 -11.26 9.27 15.63
C PHE C 210 -10.13 10.13 15.06
N ASN C 211 -9.18 10.49 15.93
CA ASN C 211 -8.01 11.27 15.54
C ASN C 211 -6.75 10.75 16.21
N VAL C 212 -5.60 11.15 15.67
CA VAL C 212 -4.30 10.77 16.19
C VAL C 212 -3.30 11.89 15.91
N ARG C 213 -2.34 12.08 16.81
CA ARG C 213 -1.35 13.14 16.66
C ARG C 213 -0.02 12.80 17.34
N LEU C 214 0.98 13.63 17.09
CA LEU C 214 2.33 13.47 17.65
C LEU C 214 2.97 12.15 17.23
N MET C 215 3.70 12.19 16.12
CA MET C 215 4.28 10.98 15.55
C MET C 215 5.45 10.46 16.39
N GLN C 216 5.57 9.15 16.43
CA GLN C 216 6.60 8.46 17.20
C GLN C 216 7.28 7.45 16.29
N ASN C 217 8.46 6.99 16.70
CA ASN C 217 9.10 5.84 16.05
C ASN C 217 8.12 4.68 15.93
N PRO C 218 7.87 4.19 14.70
CA PRO C 218 7.03 3.01 14.50
C PRO C 218 7.73 1.73 14.94
N ALA C 219 7.29 0.57 14.43
CA ALA C 219 7.83 -0.74 14.82
C ALA C 219 7.67 -1.00 16.31
N LEU C 220 8.16 -0.05 17.11
CA LEU C 220 8.25 -0.15 18.56
C LEU C 220 9.29 -1.18 18.95
N THR C 221 9.91 -0.97 20.11
CA THR C 221 10.94 -1.87 20.62
C THR C 221 10.32 -2.99 21.45
N SER C 222 9.00 -2.98 21.57
CA SER C 222 8.29 -3.99 22.35
C SER C 222 8.71 -5.40 21.93
N GLN C 223 8.61 -6.37 22.85
CA GLN C 223 8.11 -6.14 24.21
C GLN C 223 8.94 -5.07 24.93
#